data_8J1C
#
_entry.id   8J1C
#
_cell.length_a   90.965
_cell.length_b   92.617
_cell.length_c   162.475
_cell.angle_alpha   90.00
_cell.angle_beta   90.00
_cell.angle_gamma   90.00
#
_symmetry.space_group_name_H-M   'P 21 21 21'
#
loop_
_entity.id
_entity.type
_entity.pdbx_description
1 polymer 'Ornithine cyclodeaminase family protein'
2 non-polymer 'NADP NICOTINAMIDE-ADENINE-DINUCLEOTIDE PHOSPHATE'
3 non-polymer LYSINE
4 non-polymer IMIDAZOLE
5 non-polymer 1,2-ETHANEDIOL
6 water water
#
_entity_poly.entity_id   1
_entity_poly.type   'polypeptide(L)'
_entity_poly.pdbx_seq_one_letter_code
;MSSTPHVIQQAQARELLAQIDVPQILHKLFRDLAAGLAVQPAQQLVAFPKGAGDFINYLGVLAEDGVYGVKTSPYIVGEQ
GPLVTAWTLLMSMHNGQPLLLCDAHELTTARTAATTALAVDALAPLAARRLAIIGSGKVAQAHLRYVQNLRDWQHISLFS
PSLASASPATLAQLTGLDPRLSIADSCAAAVADADVIMLCTSSAGPVLDPAHLSKPALITSISTNAPRAHEVPPHSLNAM
QVFCDYRQTTPDAAGEMLIASEQHGWDKRAVMGDLPELLSDMAQRPDYQRPVFFRSIGLGLEDIALANALYQLQRDPNSS
SVDKLAAALEHHHHHH
;
_entity_poly.pdbx_strand_id   A,B,C,D
#
# COMPACT_ATOMS: atom_id res chain seq x y z
N THR A 4 -30.06 6.96 6.36
CA THR A 4 -28.95 6.27 7.07
C THR A 4 -28.63 7.00 8.38
N PRO A 5 -28.13 6.30 9.42
CA PRO A 5 -28.04 4.82 9.40
C PRO A 5 -29.36 4.13 9.71
N HIS A 6 -29.60 3.01 9.04
CA HIS A 6 -30.72 2.13 9.37
C HIS A 6 -30.38 1.39 10.66
N VAL A 7 -31.37 1.34 11.57
CA VAL A 7 -31.24 0.61 12.83
C VAL A 7 -32.10 -0.64 12.73
N ILE A 8 -31.47 -1.83 12.85
CA ILE A 8 -32.15 -3.10 12.67
C ILE A 8 -32.14 -3.87 13.98
N GLN A 9 -33.33 -4.06 14.57
CA GLN A 9 -33.48 -4.83 15.79
C GLN A 9 -33.57 -6.31 15.41
N GLN A 10 -33.74 -7.15 16.43
CA GLN A 10 -33.59 -8.58 16.32
C GLN A 10 -34.54 -9.20 15.31
N ALA A 11 -35.84 -8.87 15.39
CA ALA A 11 -36.83 -9.51 14.55
C ALA A 11 -36.50 -9.29 13.06
N GLN A 12 -36.30 -8.03 12.67
CA GLN A 12 -36.08 -7.69 11.26
C GLN A 12 -34.76 -8.31 10.78
N ALA A 13 -33.75 -8.32 11.66
CA ALA A 13 -32.47 -8.93 11.38
C ALA A 13 -32.64 -10.40 11.00
N ARG A 14 -33.44 -11.13 11.78
CA ARG A 14 -33.71 -12.55 11.50
C ARG A 14 -34.47 -12.72 10.19
N GLU A 15 -35.47 -11.85 9.93
CA GLU A 15 -36.21 -11.90 8.67
C GLU A 15 -35.25 -11.68 7.51
N LEU A 16 -34.37 -10.66 7.63
CA LEU A 16 -33.42 -10.35 6.56
C LEU A 16 -32.37 -11.45 6.42
N LEU A 17 -31.92 -12.00 7.56
CA LEU A 17 -30.99 -13.13 7.60
C LEU A 17 -31.49 -14.29 6.74
N ALA A 18 -32.78 -14.61 6.85
CA ALA A 18 -33.38 -15.73 6.11
C ALA A 18 -33.30 -15.55 4.60
N GLN A 19 -33.15 -14.31 4.08
CA GLN A 19 -33.15 -14.03 2.65
C GLN A 19 -31.73 -14.00 2.05
N ILE A 20 -30.73 -14.40 2.82
CA ILE A 20 -29.33 -14.20 2.47
C ILE A 20 -28.65 -15.55 2.47
N ASP A 21 -27.81 -15.79 1.44
CA ASP A 21 -27.01 -17.00 1.34
C ASP A 21 -25.68 -16.77 2.07
N VAL A 22 -25.67 -17.14 3.36
CA VAL A 22 -24.51 -16.92 4.22
C VAL A 22 -23.32 -17.72 3.67
N PRO A 23 -23.47 -19.03 3.36
CA PRO A 23 -22.37 -19.82 2.81
C PRO A 23 -21.77 -19.15 1.58
N GLN A 24 -22.63 -18.57 0.73
CA GLN A 24 -22.15 -17.92 -0.48
C GLN A 24 -21.37 -16.66 -0.13
N ILE A 25 -21.88 -15.87 0.81
CA ILE A 25 -21.23 -14.63 1.21
C ILE A 25 -19.86 -14.91 1.85
N LEU A 26 -19.78 -15.91 2.74
CA LEU A 26 -18.51 -16.22 3.37
C LEU A 26 -17.54 -16.83 2.37
N HIS A 27 -18.06 -17.62 1.41
CA HIS A 27 -17.21 -18.20 0.38
C HIS A 27 -16.46 -17.06 -0.30
N LYS A 28 -17.23 -16.06 -0.76
CA LYS A 28 -16.69 -14.87 -1.41
C LYS A 28 -15.69 -14.17 -0.49
N LEU A 29 -16.10 -13.93 0.76
CA LEU A 29 -15.25 -13.19 1.68
C LEU A 29 -13.86 -13.82 1.81
N PHE A 30 -13.78 -15.15 1.80
CA PHE A 30 -12.48 -15.79 2.04
C PHE A 30 -11.58 -15.68 0.83
N ARG A 31 -12.15 -15.82 -0.36
CA ARG A 31 -11.36 -15.65 -1.57
C ARG A 31 -10.88 -14.22 -1.64
N ASP A 32 -11.70 -13.29 -1.19
CA ASP A 32 -11.30 -11.89 -1.17
C ASP A 32 -10.19 -11.70 -0.14
N LEU A 33 -10.33 -12.33 1.02
CA LEU A 33 -9.26 -12.27 2.00
C LEU A 33 -7.98 -12.88 1.43
N ALA A 34 -8.10 -14.01 0.73
CA ALA A 34 -6.95 -14.64 0.09
C ALA A 34 -6.25 -13.66 -0.86
N ALA A 35 -7.03 -12.82 -1.57
CA ALA A 35 -6.52 -11.92 -2.59
C ALA A 35 -6.15 -10.56 -2.00
N GLY A 36 -6.27 -10.40 -0.68
CA GLY A 36 -5.92 -9.15 -0.04
C GLY A 36 -7.01 -8.07 -0.18
N LEU A 37 -8.17 -8.45 -0.73
CA LEU A 37 -9.27 -7.53 -0.98
C LEU A 37 -10.07 -7.25 0.30
N ALA A 38 -9.74 -7.99 1.37
CA ALA A 38 -10.33 -7.75 2.67
C ALA A 38 -9.25 -7.94 3.72
N VAL A 39 -9.44 -7.24 4.83
CA VAL A 39 -8.41 -7.13 5.85
C VAL A 39 -9.07 -7.41 7.20
N GLN A 40 -8.43 -8.30 7.96
CA GLN A 40 -8.89 -8.73 9.26
C GLN A 40 -8.03 -8.09 10.34
N PRO A 41 -8.51 -6.98 10.96
CA PRO A 41 -7.81 -6.39 12.09
C PRO A 41 -7.97 -7.22 13.36
N ALA A 42 -7.10 -6.94 14.34
CA ALA A 42 -7.14 -7.59 15.65
C ALA A 42 -8.42 -7.22 16.40
N GLN A 43 -8.85 -8.15 17.26
CA GLN A 43 -9.92 -7.93 18.21
C GLN A 43 -9.35 -7.20 19.40
N GLN A 44 -10.24 -6.56 20.16
CA GLN A 44 -9.85 -5.91 21.40
C GLN A 44 -10.86 -6.28 22.49
N LEU A 45 -10.31 -6.57 23.67
CA LEU A 45 -11.07 -7.11 24.78
C LEU A 45 -10.86 -6.22 25.99
N VAL A 46 -11.95 -5.88 26.65
CA VAL A 46 -11.90 -4.94 27.73
C VAL A 46 -12.74 -5.51 28.86
N ALA A 47 -12.15 -5.60 30.05
CA ALA A 47 -12.79 -6.14 31.23
C ALA A 47 -13.57 -5.03 31.91
N PHE A 48 -14.78 -5.35 32.39
CA PHE A 48 -15.50 -4.43 33.26
C PHE A 48 -14.85 -4.49 34.65
N PRO A 49 -14.92 -3.40 35.46
CA PRO A 49 -14.53 -3.48 36.87
C PRO A 49 -15.36 -4.50 37.63
N LYS A 50 -14.70 -5.20 38.57
CA LYS A 50 -15.34 -5.95 39.63
C LYS A 50 -16.12 -7.14 39.06
N GLY A 51 -15.42 -7.87 38.15
CA GLY A 51 -15.87 -9.16 37.65
C GLY A 51 -17.19 -9.07 36.89
N ALA A 52 -17.65 -7.84 36.60
CA ALA A 52 -19.01 -7.58 36.16
C ALA A 52 -19.21 -7.98 34.70
N GLY A 53 -18.09 -8.27 34.01
CA GLY A 53 -18.08 -8.88 32.68
C GLY A 53 -16.95 -8.35 31.79
N ASP A 54 -17.01 -8.71 30.50
CA ASP A 54 -16.09 -8.24 29.47
C ASP A 54 -16.89 -7.66 28.30
N PHE A 55 -16.17 -7.12 27.30
CA PHE A 55 -16.72 -6.95 25.96
C PHE A 55 -15.60 -7.14 24.96
N ILE A 56 -15.93 -7.74 23.81
CA ILE A 56 -14.99 -7.83 22.71
C ILE A 56 -15.54 -7.03 21.54
N ASN A 57 -14.65 -6.22 20.93
CA ASN A 57 -14.89 -5.63 19.62
C ASN A 57 -14.17 -6.44 18.54
N TYR A 58 -14.95 -6.84 17.52
CA TYR A 58 -14.46 -7.52 16.33
C TYR A 58 -14.56 -6.55 15.15
N LEU A 59 -13.54 -6.55 14.27
CA LEU A 59 -13.46 -5.60 13.19
C LEU A 59 -13.36 -6.34 11.85
N GLY A 60 -13.74 -5.61 10.78
CA GLY A 60 -13.51 -6.06 9.42
C GLY A 60 -13.38 -4.86 8.49
N VAL A 61 -12.46 -4.94 7.53
CA VAL A 61 -12.40 -3.97 6.46
C VAL A 61 -12.68 -4.67 5.13
N LEU A 62 -13.82 -4.32 4.52
CA LEU A 62 -14.23 -4.79 3.20
C LEU A 62 -13.94 -3.69 2.20
N ALA A 63 -12.68 -3.60 1.79
CA ALA A 63 -12.13 -2.52 0.99
C ALA A 63 -12.86 -2.46 -0.34
N GLU A 64 -13.07 -3.66 -0.90
CA GLU A 64 -13.70 -3.82 -2.19
C GLU A 64 -15.14 -3.32 -2.17
N ASP A 65 -15.83 -3.44 -1.02
CA ASP A 65 -17.22 -3.02 -0.92
C ASP A 65 -17.31 -1.59 -0.39
N GLY A 66 -16.16 -1.05 0.06
CA GLY A 66 -16.11 0.31 0.56
C GLY A 66 -16.77 0.49 1.92
N VAL A 67 -16.76 -0.57 2.75
CA VAL A 67 -17.33 -0.53 4.09
C VAL A 67 -16.36 -1.19 5.09
N TYR A 68 -16.41 -0.71 6.34
CA TYR A 68 -15.71 -1.33 7.44
C TYR A 68 -16.70 -1.38 8.60
N GLY A 69 -16.43 -2.21 9.61
CA GLY A 69 -17.36 -2.25 10.72
C GLY A 69 -16.74 -2.73 12.00
N VAL A 70 -17.49 -2.52 13.10
CA VAL A 70 -17.18 -3.09 14.40
C VAL A 70 -18.42 -3.82 14.93
N LYS A 71 -18.22 -5.05 15.37
CA LYS A 71 -19.20 -5.73 16.21
C LYS A 71 -18.73 -5.64 17.65
N THR A 72 -19.56 -5.03 18.50
CA THR A 72 -19.33 -4.99 19.94
C THR A 72 -20.22 -6.06 20.62
N SER A 73 -19.57 -6.93 21.41
CA SER A 73 -20.22 -8.05 22.08
C SER A 73 -19.95 -8.02 23.58
N PRO A 74 -20.88 -7.50 24.40
CA PRO A 74 -20.68 -7.46 25.84
C PRO A 74 -21.09 -8.79 26.46
N TYR A 75 -20.36 -9.20 27.49
CA TYR A 75 -20.75 -10.38 28.23
C TYR A 75 -20.98 -9.85 29.62
N ILE A 76 -22.22 -9.90 30.09
CA ILE A 76 -22.53 -9.35 31.40
C ILE A 76 -23.04 -10.42 32.34
N VAL A 77 -22.90 -10.19 33.64
CA VAL A 77 -23.33 -11.19 34.62
C VAL A 77 -24.46 -10.66 35.49
N PRO A 82 -25.48 -14.58 33.02
CA PRO A 82 -24.60 -14.44 31.85
C PRO A 82 -25.36 -13.95 30.63
N LEU A 83 -25.33 -12.64 30.38
CA LEU A 83 -26.03 -12.09 29.23
C LEU A 83 -25.03 -11.69 28.16
N VAL A 84 -25.17 -12.25 26.97
CA VAL A 84 -24.28 -11.91 25.89
C VAL A 84 -25.05 -11.43 24.69
N THR A 85 -24.76 -10.21 24.27
CA THR A 85 -25.39 -9.64 23.10
C THR A 85 -24.30 -9.30 22.07
N ALA A 86 -24.73 -8.82 20.90
CA ALA A 86 -23.81 -8.45 19.84
C ALA A 86 -24.47 -7.41 18.92
N TRP A 87 -23.76 -6.28 18.70
CA TRP A 87 -24.24 -5.26 17.77
C TRP A 87 -23.14 -4.83 16.79
N THR A 88 -23.52 -4.74 15.51
CA THR A 88 -22.62 -4.36 14.43
C THR A 88 -22.95 -2.96 13.91
N LEU A 89 -21.90 -2.10 13.88
CA LEU A 89 -21.89 -0.82 13.20
C LEU A 89 -21.06 -0.91 11.93
N LEU A 90 -21.74 -0.61 10.82
CA LEU A 90 -21.16 -0.57 9.49
C LEU A 90 -20.98 0.91 9.13
N MET A 91 -19.77 1.24 8.63
CA MET A 91 -19.38 2.60 8.26
C MET A 91 -18.93 2.62 6.82
N SER A 92 -19.13 3.75 6.14
CA SER A 92 -18.65 3.92 4.77
C SER A 92 -17.18 4.36 4.76
N MET A 93 -16.39 3.69 3.91
CA MET A 93 -15.01 4.06 3.64
C MET A 93 -14.94 5.23 2.66
N HIS A 94 -16.08 5.57 2.04
CA HIS A 94 -16.15 6.64 1.06
C HIS A 94 -16.37 8.00 1.71
N ASN A 95 -17.33 8.08 2.64
CA ASN A 95 -17.69 9.33 3.28
C ASN A 95 -17.59 9.27 4.82
N GLY A 96 -17.18 8.14 5.40
CA GLY A 96 -16.98 8.07 6.84
C GLY A 96 -18.26 8.21 7.67
N GLN A 97 -19.41 7.88 7.06
CA GLN A 97 -20.70 7.98 7.72
C GLN A 97 -21.22 6.57 8.00
N PRO A 98 -22.02 6.39 9.09
CA PRO A 98 -22.62 5.12 9.46
C PRO A 98 -23.75 4.68 8.52
N LEU A 99 -23.69 3.42 8.11
CA LEU A 99 -24.64 2.85 7.16
C LEU A 99 -25.70 2.01 7.87
N LEU A 100 -25.27 1.29 8.92
CA LEU A 100 -26.11 0.30 9.56
C LEU A 100 -25.66 0.06 10.99
N LEU A 101 -26.64 -0.04 11.91
CA LEU A 101 -26.47 -0.56 13.25
C LEU A 101 -27.48 -1.70 13.42
N CYS A 102 -26.94 -2.90 13.60
CA CYS A 102 -27.67 -4.14 13.45
C CYS A 102 -27.42 -5.04 14.64
N ASP A 103 -28.51 -5.56 15.24
CA ASP A 103 -28.43 -6.65 16.21
C ASP A 103 -27.84 -7.85 15.51
N ALA A 104 -26.66 -8.30 15.98
CA ALA A 104 -25.88 -9.33 15.31
C ALA A 104 -25.86 -10.66 16.10
N HIS A 105 -26.83 -10.85 17.00
CA HIS A 105 -26.93 -12.05 17.81
C HIS A 105 -27.13 -13.31 16.95
N GLU A 106 -28.06 -13.26 16.00
CA GLU A 106 -28.35 -14.40 15.15
C GLU A 106 -27.38 -14.45 13.98
N LEU A 107 -26.91 -13.29 13.51
CA LEU A 107 -25.95 -13.26 12.43
C LEU A 107 -24.72 -14.04 12.84
N THR A 108 -24.33 -13.92 14.12
CA THR A 108 -23.11 -14.54 14.62
C THR A 108 -23.22 -16.05 14.52
N THR A 109 -24.32 -16.59 15.06
CA THR A 109 -24.60 -18.01 15.05
C THR A 109 -24.51 -18.55 13.63
N ALA A 110 -25.13 -17.86 12.68
CA ALA A 110 -25.13 -18.31 11.30
C ALA A 110 -23.72 -18.34 10.70
N ARG A 111 -22.98 -17.24 10.81
CA ARG A 111 -21.65 -17.18 10.20
C ARG A 111 -20.74 -18.25 10.80
N THR A 112 -20.86 -18.50 12.09
CA THR A 112 -20.05 -19.51 12.74
C THR A 112 -20.33 -20.87 12.15
N ALA A 113 -21.61 -21.24 12.06
CA ALA A 113 -21.98 -22.55 11.55
C ALA A 113 -21.65 -22.67 10.06
N ALA A 114 -21.84 -21.56 9.33
CA ALA A 114 -21.60 -21.54 7.89
C ALA A 114 -20.09 -21.56 7.62
N THR A 115 -19.29 -20.95 8.50
CA THR A 115 -17.83 -21.02 8.39
C THR A 115 -17.37 -22.46 8.61
N THR A 116 -17.84 -23.14 9.67
CA THR A 116 -17.50 -24.55 9.84
C THR A 116 -17.95 -25.33 8.60
N ALA A 117 -19.18 -25.03 8.14
CA ALA A 117 -19.78 -25.68 6.98
C ALA A 117 -18.86 -25.61 5.76
N LEU A 118 -18.31 -24.42 5.48
CA LEU A 118 -17.39 -24.26 4.36
C LEU A 118 -16.20 -25.20 4.55
N ALA A 119 -15.72 -25.33 5.79
CA ALA A 119 -14.56 -26.17 6.08
C ALA A 119 -14.91 -27.65 5.90
N VAL A 120 -16.12 -28.08 6.31
CA VAL A 120 -16.57 -29.46 6.15
C VAL A 120 -16.70 -29.81 4.67
N ASP A 121 -17.07 -28.83 3.84
CA ASP A 121 -17.25 -29.05 2.43
C ASP A 121 -15.89 -29.19 1.75
N ALA A 122 -14.97 -28.29 2.14
CA ALA A 122 -13.65 -28.31 1.56
C ALA A 122 -12.83 -29.51 2.04
N LEU A 123 -13.14 -30.12 3.21
CA LEU A 123 -12.18 -31.01 3.84
C LEU A 123 -12.71 -32.43 3.99
N ALA A 124 -14.02 -32.58 4.19
CA ALA A 124 -14.57 -33.91 4.41
C ALA A 124 -14.40 -34.72 3.14
N PRO A 125 -14.07 -36.03 3.23
CA PRO A 125 -13.93 -36.87 2.04
C PRO A 125 -15.29 -36.97 1.36
N LEU A 126 -15.29 -37.14 0.04
CA LEU A 126 -16.54 -36.97 -0.69
C LEU A 126 -17.60 -37.97 -0.22
N ALA A 127 -17.18 -39.19 0.17
CA ALA A 127 -18.11 -40.29 0.39
C ALA A 127 -18.53 -40.42 1.86
N ALA A 128 -18.35 -39.36 2.67
CA ALA A 128 -18.61 -39.44 4.10
C ALA A 128 -20.09 -39.73 4.38
N ARG A 129 -20.32 -40.51 5.44
CA ARG A 129 -21.63 -41.10 5.68
C ARG A 129 -22.12 -40.85 7.10
N ARG A 130 -21.19 -40.67 8.04
CA ARG A 130 -21.54 -40.65 9.45
C ARG A 130 -21.07 -39.34 10.07
N LEU A 131 -21.99 -38.69 10.79
CA LEU A 131 -21.79 -37.34 11.31
C LEU A 131 -22.08 -37.34 12.81
N ALA A 132 -21.13 -36.78 13.56
CA ALA A 132 -21.33 -36.56 14.97
C ALA A 132 -21.32 -35.05 15.23
N ILE A 133 -22.24 -34.62 16.09
CA ILE A 133 -22.33 -33.27 16.56
C ILE A 133 -22.32 -33.39 18.09
N ILE A 134 -21.38 -32.70 18.74
CA ILE A 134 -21.27 -32.67 20.18
C ILE A 134 -21.63 -31.25 20.60
N GLY A 135 -22.59 -31.10 21.52
CA GLY A 135 -23.28 -29.83 21.71
C GLY A 135 -24.67 -29.89 21.11
N SER A 136 -25.64 -29.22 21.76
CA SER A 136 -27.03 -29.23 21.29
C SER A 136 -27.67 -27.85 21.40
N GLY A 137 -26.84 -26.80 21.52
CA GLY A 137 -27.35 -25.45 21.56
C GLY A 137 -27.58 -24.92 20.15
N LYS A 138 -27.84 -23.62 20.05
CA LYS A 138 -28.22 -23.00 18.79
C LYS A 138 -27.06 -23.10 17.79
N VAL A 139 -25.80 -23.03 18.28
CA VAL A 139 -24.65 -23.10 17.39
C VAL A 139 -24.55 -24.51 16.80
N ALA A 140 -24.88 -25.53 17.60
CA ALA A 140 -24.86 -26.92 17.14
C ALA A 140 -25.98 -27.17 16.13
N GLN A 141 -27.16 -26.60 16.38
CA GLN A 141 -28.31 -26.75 15.49
C GLN A 141 -28.06 -26.03 14.15
N ALA A 142 -27.47 -24.84 14.19
CA ALA A 142 -27.13 -24.12 12.99
C ALA A 142 -26.11 -24.92 12.20
N HIS A 143 -25.18 -25.59 12.90
CA HIS A 143 -24.14 -26.38 12.26
C HIS A 143 -24.81 -27.51 11.49
N LEU A 144 -25.81 -28.13 12.12
CA LEU A 144 -26.55 -29.20 11.47
C LEU A 144 -27.27 -28.66 10.22
N ARG A 145 -28.00 -27.56 10.41
CA ARG A 145 -28.77 -26.91 9.34
C ARG A 145 -27.85 -26.66 8.14
N TYR A 146 -26.61 -26.24 8.41
CA TYR A 146 -25.70 -25.83 7.35
C TYR A 146 -24.83 -26.95 6.85
N VAL A 147 -24.84 -28.12 7.49
CA VAL A 147 -24.09 -29.21 6.92
C VAL A 147 -24.99 -30.40 6.59
N GLN A 148 -26.30 -30.37 6.91
CA GLN A 148 -27.14 -31.55 6.65
C GLN A 148 -27.23 -31.92 5.15
N ASN A 149 -26.82 -31.02 4.23
CA ASN A 149 -26.99 -31.26 2.81
C ASN A 149 -25.67 -31.38 2.06
N LEU A 150 -24.53 -31.35 2.75
CA LEU A 150 -23.24 -31.28 2.06
C LEU A 150 -22.72 -32.67 1.62
N ARG A 151 -23.31 -33.75 2.13
CA ARG A 151 -22.83 -35.11 1.86
C ARG A 151 -24.03 -36.05 2.01
N ASP A 152 -23.90 -37.29 1.53
CA ASP A 152 -24.97 -38.27 1.66
C ASP A 152 -24.90 -38.97 3.01
N TRP A 153 -25.12 -38.21 4.08
CA TRP A 153 -25.13 -38.77 5.42
C TRP A 153 -26.17 -39.89 5.50
N GLN A 154 -25.72 -41.07 5.96
CA GLN A 154 -26.61 -42.16 6.38
C GLN A 154 -27.08 -41.88 7.81
N HIS A 155 -26.11 -41.52 8.67
CA HIS A 155 -26.33 -41.48 10.11
C HIS A 155 -25.77 -40.16 10.67
N ILE A 156 -26.53 -39.57 11.60
CA ILE A 156 -26.16 -38.35 12.29
C ILE A 156 -26.39 -38.57 13.79
N SER A 157 -25.37 -38.25 14.59
CA SER A 157 -25.48 -38.47 16.00
C SER A 157 -25.27 -37.15 16.73
N LEU A 158 -25.99 -36.95 17.85
CA LEU A 158 -25.92 -35.75 18.64
C LEU A 158 -25.79 -36.11 20.12
N PHE A 159 -24.87 -35.46 20.84
CA PHE A 159 -24.76 -35.66 22.28
C PHE A 159 -24.47 -34.35 23.01
N SER A 160 -25.23 -34.11 24.09
CA SER A 160 -24.88 -33.21 25.20
C SER A 160 -25.20 -33.91 26.52
N PRO A 161 -24.52 -33.57 27.62
CA PRO A 161 -24.91 -34.05 28.95
C PRO A 161 -26.41 -33.90 29.21
N SER A 162 -26.92 -32.66 29.16
CA SER A 162 -28.30 -32.33 29.50
C SER A 162 -29.34 -33.16 28.73
N LEU A 163 -28.95 -33.86 27.65
CA LEU A 163 -29.92 -34.43 26.73
C LEU A 163 -30.75 -35.57 27.36
N ALA A 164 -30.17 -36.33 28.29
CA ALA A 164 -30.93 -37.34 29.03
C ALA A 164 -32.01 -36.64 29.87
N SER A 165 -31.60 -35.90 30.90
CA SER A 165 -32.56 -35.13 31.69
C SER A 165 -33.42 -34.26 30.77
N THR A 170 -39.05 -31.16 23.23
CA THR A 170 -37.71 -30.60 23.56
C THR A 170 -36.61 -31.49 22.97
N LEU A 171 -36.82 -32.80 22.99
CA LEU A 171 -35.96 -33.74 22.28
C LEU A 171 -36.46 -33.93 20.85
N ALA A 172 -37.73 -33.60 20.61
CA ALA A 172 -38.34 -33.76 19.30
C ALA A 172 -37.91 -32.64 18.35
N GLN A 173 -37.61 -31.46 18.90
CA GLN A 173 -36.98 -30.38 18.14
C GLN A 173 -35.67 -30.85 17.52
N LEU A 174 -34.85 -31.55 18.32
CA LEU A 174 -33.50 -31.92 17.91
C LEU A 174 -33.58 -32.97 16.80
N THR A 175 -34.38 -34.02 17.04
CA THR A 175 -34.59 -35.07 16.05
C THR A 175 -35.48 -34.59 14.89
N GLY A 176 -36.22 -33.49 15.09
CA GLY A 176 -37.04 -32.89 14.03
C GLY A 176 -36.28 -31.92 13.12
N LEU A 177 -34.94 -31.86 13.22
CA LEU A 177 -34.13 -31.03 12.33
C LEU A 177 -33.57 -31.85 11.17
N ASP A 178 -33.72 -33.18 11.26
CA ASP A 178 -33.21 -34.10 10.26
C ASP A 178 -33.75 -35.49 10.61
N PRO A 179 -34.26 -36.28 9.63
CA PRO A 179 -34.80 -37.61 9.92
C PRO A 179 -33.73 -38.66 10.25
N ARG A 180 -32.47 -38.36 9.94
CA ARG A 180 -31.36 -39.25 10.27
C ARG A 180 -30.71 -38.97 11.62
N LEU A 181 -31.30 -38.14 12.48
CA LEU A 181 -30.61 -37.78 13.71
C LEU A 181 -31.17 -38.53 14.92
N SER A 182 -30.25 -39.11 15.71
CA SER A 182 -30.62 -39.83 16.93
C SER A 182 -29.74 -39.36 18.09
N ILE A 183 -30.32 -39.33 19.29
CA ILE A 183 -29.62 -38.86 20.48
C ILE A 183 -28.82 -40.04 21.04
N ALA A 184 -27.49 -39.89 21.07
CA ALA A 184 -26.60 -40.81 21.75
C ALA A 184 -26.61 -40.52 23.26
N ASP A 185 -26.22 -41.54 24.03
CA ASP A 185 -26.18 -41.42 25.49
C ASP A 185 -24.80 -40.98 25.95
N SER A 186 -23.80 -41.00 25.04
CA SER A 186 -22.42 -40.68 25.39
C SER A 186 -21.66 -40.10 24.18
N CYS A 187 -20.71 -39.21 24.46
CA CYS A 187 -19.74 -38.78 23.46
C CYS A 187 -19.28 -39.97 22.63
N ALA A 188 -18.69 -41.00 23.27
CA ALA A 188 -18.03 -42.09 22.58
C ALA A 188 -18.97 -42.82 21.63
N ALA A 189 -20.26 -42.90 21.99
CA ALA A 189 -21.27 -43.54 21.14
C ALA A 189 -21.49 -42.68 19.89
N ALA A 190 -21.71 -41.37 20.11
CA ALA A 190 -21.91 -40.39 19.05
C ALA A 190 -20.80 -40.44 18.01
N VAL A 191 -19.54 -40.46 18.48
CA VAL A 191 -18.40 -40.33 17.57
C VAL A 191 -17.95 -41.69 17.04
N ALA A 192 -18.48 -42.78 17.60
CA ALA A 192 -18.08 -44.11 17.17
C ALA A 192 -18.30 -44.21 15.67
N ASP A 193 -17.22 -44.48 14.93
CA ASP A 193 -17.36 -44.79 13.51
C ASP A 193 -17.62 -43.52 12.69
N ALA A 194 -17.38 -42.34 13.26
CA ALA A 194 -17.71 -41.07 12.61
C ALA A 194 -16.66 -40.71 11.57
N ASP A 195 -17.15 -40.14 10.46
CA ASP A 195 -16.31 -39.60 9.40
C ASP A 195 -16.08 -38.12 9.66
N VAL A 196 -17.08 -37.47 10.27
CA VAL A 196 -17.02 -36.05 10.58
C VAL A 196 -17.60 -35.85 11.96
N ILE A 197 -16.83 -35.13 12.78
CA ILE A 197 -17.21 -34.83 14.15
C ILE A 197 -17.14 -33.33 14.34
N MET A 198 -18.26 -32.74 14.72
CA MET A 198 -18.33 -31.30 14.87
C MET A 198 -18.50 -30.99 16.35
N LEU A 199 -17.47 -30.37 16.94
CA LEU A 199 -17.50 -30.00 18.34
C LEU A 199 -18.08 -28.60 18.45
N CYS A 200 -19.28 -28.54 19.02
CA CYS A 200 -20.09 -27.33 19.05
C CYS A 200 -20.48 -26.99 20.49
N THR A 201 -19.48 -26.91 21.38
CA THR A 201 -19.73 -26.84 22.80
C THR A 201 -19.30 -25.47 23.35
N SER A 202 -19.70 -25.22 24.59
CA SER A 202 -19.22 -24.11 25.39
C SER A 202 -18.01 -24.49 26.24
N SER A 203 -17.51 -25.74 26.12
CA SER A 203 -16.50 -26.28 27.01
C SER A 203 -15.19 -25.50 26.99
N ALA A 204 -14.61 -25.32 28.19
CA ALA A 204 -13.29 -24.71 28.38
C ALA A 204 -12.18 -25.67 27.99
N GLY A 205 -12.43 -26.98 28.14
CA GLY A 205 -11.38 -27.98 28.08
C GLY A 205 -11.84 -29.20 27.29
N PRO A 206 -10.88 -30.08 26.91
CA PRO A 206 -11.15 -31.16 25.96
C PRO A 206 -12.49 -31.91 26.15
N VAL A 207 -13.20 -32.19 25.04
CA VAL A 207 -14.38 -33.05 25.06
C VAL A 207 -14.11 -34.33 24.27
N LEU A 208 -13.03 -34.34 23.49
CA LEU A 208 -12.74 -35.49 22.66
C LEU A 208 -11.23 -35.58 22.51
N ASP A 209 -10.71 -36.78 22.74
CA ASP A 209 -9.36 -37.16 22.41
C ASP A 209 -9.41 -37.87 21.07
N PRO A 210 -8.72 -37.37 20.01
CA PRO A 210 -8.56 -38.11 18.76
C PRO A 210 -7.89 -39.50 18.80
N ALA A 211 -7.10 -39.78 19.85
CA ALA A 211 -6.53 -41.10 20.08
C ALA A 211 -7.64 -42.13 20.30
N HIS A 212 -8.78 -41.68 20.86
CA HIS A 212 -9.90 -42.55 21.21
C HIS A 212 -10.83 -42.78 20.02
N LEU A 213 -10.35 -42.51 18.79
CA LEU A 213 -11.16 -42.70 17.58
C LEU A 213 -10.86 -44.08 17.00
N SER A 214 -11.87 -44.68 16.36
CA SER A 214 -11.76 -45.98 15.74
C SER A 214 -11.18 -45.85 14.33
N LYS A 215 -11.12 -44.61 13.81
CA LYS A 215 -10.57 -44.35 12.49
C LYS A 215 -10.29 -42.86 12.33
N PRO A 216 -9.45 -42.45 11.34
CA PRO A 216 -9.34 -41.03 10.97
C PRO A 216 -10.70 -40.37 10.69
N ALA A 217 -10.88 -39.17 11.27
CA ALA A 217 -12.08 -38.38 11.06
C ALA A 217 -11.67 -36.94 10.80
N LEU A 218 -12.65 -36.14 10.32
CA LEU A 218 -12.54 -34.70 10.35
C LEU A 218 -13.14 -34.21 11.66
N ILE A 219 -12.33 -33.47 12.42
CA ILE A 219 -12.81 -32.87 13.64
C ILE A 219 -12.78 -31.34 13.48
N THR A 220 -13.90 -30.69 13.81
CA THR A 220 -14.03 -29.25 13.79
C THR A 220 -14.31 -28.79 15.21
N SER A 221 -13.90 -27.56 15.53
CA SER A 221 -14.01 -26.99 16.87
C SER A 221 -14.31 -25.50 16.80
N ILE A 222 -15.16 -25.01 17.72
CA ILE A 222 -15.60 -23.62 17.70
C ILE A 222 -15.57 -23.00 19.08
N SER A 223 -15.31 -23.75 20.15
CA SER A 223 -15.47 -23.14 21.48
C SER A 223 -14.47 -22.00 21.66
N THR A 224 -14.99 -20.86 22.17
CA THR A 224 -14.20 -19.65 22.43
C THR A 224 -14.55 -19.00 23.77
N ASN A 225 -15.55 -19.49 24.47
CA ASN A 225 -15.95 -18.77 25.68
C ASN A 225 -15.17 -19.15 26.89
N ALA A 226 -13.91 -18.78 26.90
CA ALA A 226 -13.07 -19.00 28.04
C ALA A 226 -11.75 -18.52 27.60
N PRO A 227 -10.93 -18.06 28.54
CA PRO A 227 -9.59 -17.72 28.12
C PRO A 227 -8.95 -19.03 27.70
N ARG A 228 -8.48 -19.10 26.47
CA ARG A 228 -7.86 -20.33 25.97
C ARG A 228 -8.76 -21.57 26.02
N ALA A 229 -10.02 -21.38 25.67
CA ALA A 229 -10.96 -22.48 25.59
C ALA A 229 -10.59 -23.38 24.45
N HIS A 230 -10.76 -24.67 24.67
CA HIS A 230 -10.36 -25.66 23.69
C HIS A 230 -11.13 -26.96 23.94
N GLU A 231 -11.28 -27.76 22.88
CA GLU A 231 -12.21 -28.89 22.86
C GLU A 231 -11.48 -30.21 22.55
N VAL A 232 -10.24 -30.15 22.04
CA VAL A 232 -9.37 -31.30 21.98
C VAL A 232 -8.18 -31.09 22.92
N PRO A 233 -7.49 -32.17 23.38
CA PRO A 233 -6.19 -32.08 24.07
C PRO A 233 -5.13 -31.37 23.22
N PRO A 234 -4.49 -30.29 23.72
CA PRO A 234 -3.53 -29.53 22.90
C PRO A 234 -2.41 -30.36 22.27
N HIS A 235 -2.04 -31.47 22.93
CA HIS A 235 -0.93 -32.31 22.48
C HIS A 235 -1.33 -33.04 21.19
N SER A 236 -2.65 -33.23 20.98
CA SER A 236 -3.20 -34.03 19.88
C SER A 236 -3.01 -33.35 18.52
N LEU A 237 -2.80 -32.02 18.52
CA LEU A 237 -2.54 -31.28 17.28
C LEU A 237 -1.32 -31.86 16.56
N ASN A 238 -0.33 -32.36 17.34
CA ASN A 238 0.89 -32.95 16.82
C ASN A 238 0.61 -34.27 16.09
N ALA A 239 -0.58 -34.85 16.33
CA ALA A 239 -1.03 -36.07 15.68
C ALA A 239 -2.15 -35.82 14.65
N MET A 240 -2.45 -34.56 14.32
CA MET A 240 -3.54 -34.27 13.39
C MET A 240 -3.04 -33.37 12.26
N GLN A 241 -3.69 -33.51 11.09
CA GLN A 241 -3.54 -32.60 9.96
C GLN A 241 -4.39 -31.36 10.27
N VAL A 242 -3.71 -30.22 10.52
CA VAL A 242 -4.36 -29.09 11.18
C VAL A 242 -4.69 -28.00 10.15
N PHE A 243 -5.99 -27.61 10.15
CA PHE A 243 -6.50 -26.49 9.38
C PHE A 243 -7.24 -25.53 10.30
N CYS A 244 -7.44 -24.30 9.80
CA CYS A 244 -8.09 -23.26 10.60
C CYS A 244 -8.73 -22.18 9.73
N ASP A 245 -9.50 -21.31 10.38
CA ASP A 245 -10.28 -20.32 9.65
C ASP A 245 -9.35 -19.32 8.94
N TYR A 246 -8.39 -18.70 9.65
CA TYR A 246 -7.40 -17.83 9.06
C TYR A 246 -5.99 -18.07 9.65
N ARG A 247 -5.02 -18.36 8.78
CA ARG A 247 -3.65 -18.67 9.19
C ARG A 247 -3.07 -17.53 10.04
N GLN A 248 -3.28 -16.28 9.62
CA GLN A 248 -2.57 -15.15 10.18
C GLN A 248 -3.03 -14.80 11.60
N THR A 249 -4.27 -15.16 12.00
CA THR A 249 -4.81 -14.74 13.30
C THR A 249 -4.96 -15.89 14.28
N THR A 250 -5.44 -17.05 13.82
CA THR A 250 -6.03 -18.04 14.71
C THR A 250 -4.97 -18.72 15.59
N PRO A 251 -3.79 -19.12 15.06
CA PRO A 251 -2.72 -19.72 15.85
C PRO A 251 -2.21 -18.93 17.06
N ASP A 252 -2.38 -17.62 17.07
CA ASP A 252 -1.94 -16.83 18.19
C ASP A 252 -3.04 -16.58 19.22
N ALA A 253 -4.17 -17.27 19.06
CA ALA A 253 -5.30 -17.06 19.97
C ALA A 253 -6.07 -18.33 20.35
N ALA A 254 -6.16 -19.27 19.43
CA ALA A 254 -6.81 -20.53 19.72
C ALA A 254 -6.10 -21.22 20.87
N GLY A 255 -6.82 -21.45 21.95
CA GLY A 255 -6.25 -22.03 23.17
C GLY A 255 -5.39 -23.28 22.93
N GLU A 256 -5.93 -24.29 22.22
CA GLU A 256 -5.18 -25.54 22.02
C GLU A 256 -3.92 -25.28 21.21
N MET A 257 -3.88 -24.16 20.46
CA MET A 257 -2.80 -23.92 19.51
C MET A 257 -1.65 -23.22 20.24
N LEU A 258 -2.01 -22.27 21.12
CA LEU A 258 -1.06 -21.66 22.03
C LEU A 258 -0.44 -22.75 22.92
N ILE A 259 -1.30 -23.48 23.63
CA ILE A 259 -0.82 -24.45 24.61
C ILE A 259 0.05 -25.49 23.93
N ALA A 260 -0.30 -25.87 22.69
CA ALA A 260 0.44 -26.90 21.98
C ALA A 260 1.82 -26.37 21.60
N SER A 261 1.89 -25.06 21.31
CA SER A 261 3.13 -24.44 20.86
C SER A 261 4.01 -24.11 22.06
N GLU A 262 3.39 -23.89 23.23
CA GLU A 262 4.13 -23.49 24.42
C GLU A 262 4.63 -24.73 25.15
N GLN A 263 3.93 -25.86 25.03
CA GLN A 263 4.20 -27.00 25.89
C GLN A 263 4.47 -28.29 25.12
N HIS A 264 3.96 -28.43 23.89
CA HIS A 264 4.07 -29.70 23.18
C HIS A 264 4.90 -29.52 21.90
N GLY A 265 5.56 -28.37 21.78
CA GLY A 265 6.46 -28.11 20.67
C GLY A 265 5.79 -28.08 19.30
N TRP A 266 4.49 -27.74 19.25
CA TRP A 266 3.78 -27.63 17.98
C TRP A 266 4.17 -26.31 17.32
N ASP A 267 4.43 -26.36 16.01
CA ASP A 267 4.78 -25.18 15.24
C ASP A 267 3.65 -24.83 14.28
N LYS A 268 3.18 -23.56 14.34
CA LYS A 268 2.14 -23.00 13.49
C LYS A 268 2.30 -23.37 12.02
N ARG A 269 3.55 -23.42 11.56
CA ARG A 269 3.84 -23.71 10.17
C ARG A 269 3.34 -25.09 9.80
N ALA A 270 2.94 -25.89 10.81
CA ALA A 270 2.32 -27.18 10.55
C ALA A 270 0.89 -27.04 10.03
N VAL A 271 0.29 -25.84 10.17
CA VAL A 271 -1.04 -25.58 9.65
C VAL A 271 -1.04 -25.78 8.14
N MET A 272 -1.90 -26.68 7.66
CA MET A 272 -1.81 -27.14 6.28
C MET A 272 -2.71 -26.32 5.34
N GLY A 273 -3.62 -25.52 5.90
CA GLY A 273 -4.42 -24.59 5.13
C GLY A 273 -5.38 -23.80 6.01
N ASP A 274 -5.78 -22.61 5.54
CA ASP A 274 -6.92 -21.91 6.09
C ASP A 274 -8.04 -21.85 5.04
N LEU A 275 -9.15 -21.20 5.38
CA LEU A 275 -10.27 -21.15 4.44
C LEU A 275 -9.91 -20.32 3.21
N PRO A 276 -9.25 -19.14 3.34
CA PRO A 276 -8.75 -18.44 2.17
C PRO A 276 -7.99 -19.36 1.24
N GLU A 277 -7.02 -20.14 1.76
CA GLU A 277 -6.22 -21.01 0.91
C GLU A 277 -7.07 -22.16 0.34
N LEU A 278 -7.97 -22.75 1.14
CA LEU A 278 -8.77 -23.88 0.68
C LEU A 278 -9.66 -23.44 -0.48
N LEU A 279 -10.29 -22.26 -0.34
CA LEU A 279 -11.36 -21.83 -1.26
C LEU A 279 -10.79 -21.16 -2.51
N SER A 280 -9.47 -20.93 -2.54
CA SER A 280 -8.76 -20.49 -3.73
C SER A 280 -7.73 -21.52 -4.18
N ASP A 281 -7.86 -22.77 -3.70
CA ASP A 281 -7.10 -23.94 -4.16
C ASP A 281 -5.59 -23.74 -4.02
N MET A 282 -5.16 -23.14 -2.90
CA MET A 282 -3.75 -22.93 -2.60
C MET A 282 -3.29 -23.85 -1.47
N ALA A 283 -4.22 -24.61 -0.86
CA ALA A 283 -3.88 -25.46 0.27
C ALA A 283 -3.63 -26.89 -0.21
N TYR A 288 -6.15 -38.76 4.08
CA TYR A 288 -6.85 -39.17 5.33
C TYR A 288 -6.18 -40.36 6.01
N GLN A 289 -4.85 -40.34 6.07
CA GLN A 289 -4.10 -41.34 6.82
C GLN A 289 -3.96 -40.91 8.29
N ARG A 290 -4.16 -39.60 8.55
CA ARG A 290 -4.28 -39.12 9.92
C ARG A 290 -5.62 -38.39 10.06
N PRO A 291 -6.13 -38.20 11.30
CA PRO A 291 -7.31 -37.36 11.50
C PRO A 291 -7.02 -35.93 11.04
N VAL A 292 -8.09 -35.21 10.69
CA VAL A 292 -8.03 -33.83 10.21
C VAL A 292 -8.72 -32.92 11.23
N PHE A 293 -8.01 -31.85 11.63
CA PHE A 293 -8.53 -30.91 12.60
C PHE A 293 -8.76 -29.53 11.96
N PHE A 294 -9.97 -28.98 12.14
CA PHE A 294 -10.32 -27.66 11.66
C PHE A 294 -10.74 -26.78 12.83
N ARG A 295 -10.03 -25.66 13.03
CA ARG A 295 -10.31 -24.76 14.14
C ARG A 295 -10.85 -23.43 13.61
N SER A 296 -11.98 -23.01 14.16
CA SER A 296 -12.52 -21.68 13.95
C SER A 296 -12.61 -20.97 15.31
N ILE A 297 -12.22 -19.69 15.37
CA ILE A 297 -12.45 -18.94 16.59
C ILE A 297 -13.32 -17.70 16.34
N GLY A 298 -13.87 -17.54 15.12
CA GLY A 298 -14.62 -16.34 14.77
C GLY A 298 -13.72 -15.19 14.32
N LEU A 299 -14.06 -14.62 13.17
CA LEU A 299 -13.37 -13.47 12.58
C LEU A 299 -14.37 -12.35 12.40
N GLY A 300 -14.03 -11.16 12.91
CA GLY A 300 -14.75 -9.93 12.63
C GLY A 300 -15.16 -9.80 11.17
N LEU A 301 -14.31 -10.23 10.21
CA LEU A 301 -14.67 -10.10 8.81
C LEU A 301 -15.99 -10.82 8.53
N GLU A 302 -16.24 -11.96 9.18
CA GLU A 302 -17.48 -12.69 8.95
C GLU A 302 -18.65 -11.83 9.39
N ASP A 303 -18.49 -11.14 10.53
CA ASP A 303 -19.57 -10.35 11.09
C ASP A 303 -19.89 -9.17 10.17
N ILE A 304 -18.82 -8.55 9.64
CA ILE A 304 -18.96 -7.35 8.83
C ILE A 304 -19.51 -7.70 7.46
N ALA A 305 -19.01 -8.79 6.85
CA ALA A 305 -19.57 -9.28 5.60
C ALA A 305 -21.09 -9.44 5.70
N LEU A 306 -21.55 -10.11 6.77
CA LEU A 306 -22.96 -10.41 6.96
C LEU A 306 -23.81 -9.15 7.13
N ALA A 307 -23.36 -8.25 8.01
CA ALA A 307 -24.00 -6.96 8.24
C ALA A 307 -24.10 -6.16 6.95
N ASN A 308 -23.05 -6.25 6.13
CA ASN A 308 -23.04 -5.59 4.85
C ASN A 308 -24.10 -6.21 3.93
N ALA A 309 -24.23 -7.53 3.92
CA ALA A 309 -25.23 -8.20 3.13
C ALA A 309 -26.64 -7.75 3.55
N LEU A 310 -26.87 -7.57 4.86
CA LEU A 310 -28.13 -7.03 5.36
C LEU A 310 -28.29 -5.60 4.87
N TYR A 311 -27.21 -4.81 4.94
CA TYR A 311 -27.29 -3.41 4.52
C TYR A 311 -27.66 -3.32 3.04
N GLN A 312 -27.01 -4.11 2.16
CA GLN A 312 -27.29 -4.06 0.73
C GLN A 312 -28.71 -4.56 0.45
N LEU A 313 -29.19 -5.51 1.27
CA LEU A 313 -30.53 -6.05 1.14
C LEU A 313 -31.56 -5.01 1.59
N GLN A 314 -31.24 -4.25 2.65
CA GLN A 314 -32.10 -3.26 3.29
C GLN A 314 -32.33 -2.05 2.36
N ARG A 315 -31.49 -1.86 1.33
CA ARG A 315 -31.65 -0.77 0.37
C ARG A 315 -32.79 -1.05 -0.62
N THR B 4 -34.99 3.24 21.78
CA THR B 4 -33.52 3.11 21.63
C THR B 4 -33.18 2.09 20.53
N PRO B 5 -31.98 2.19 19.90
CA PRO B 5 -31.03 3.28 20.16
C PRO B 5 -31.47 4.59 19.51
N HIS B 6 -31.14 5.70 20.18
CA HIS B 6 -31.31 7.02 19.58
C HIS B 6 -30.18 7.31 18.59
N VAL B 7 -30.51 7.91 17.45
CA VAL B 7 -29.53 8.36 16.48
C VAL B 7 -29.53 9.89 16.48
N ILE B 8 -28.39 10.48 16.84
CA ILE B 8 -28.25 11.94 16.91
C ILE B 8 -27.29 12.40 15.83
N GLN B 9 -27.82 13.23 14.92
CA GLN B 9 -27.07 13.77 13.82
C GLN B 9 -26.40 15.06 14.28
N GLN B 10 -25.64 15.65 13.38
CA GLN B 10 -24.72 16.75 13.68
C GLN B 10 -25.43 17.94 14.34
N ALA B 11 -26.52 18.42 13.74
CA ALA B 11 -27.17 19.64 14.20
C ALA B 11 -27.72 19.46 15.61
N GLN B 12 -28.32 18.31 15.87
CA GLN B 12 -28.89 18.04 17.19
C GLN B 12 -27.77 17.83 18.21
N ALA B 13 -26.68 17.19 17.79
CA ALA B 13 -25.56 16.98 18.70
C ALA B 13 -25.00 18.29 19.19
N ARG B 14 -24.93 19.29 18.31
CA ARG B 14 -24.39 20.59 18.68
C ARG B 14 -25.27 21.30 19.70
N GLU B 15 -26.58 21.22 19.52
CA GLU B 15 -27.51 21.88 20.43
C GLU B 15 -27.39 21.31 21.84
N LEU B 16 -27.39 19.98 21.93
CA LEU B 16 -27.24 19.33 23.24
C LEU B 16 -25.85 19.61 23.82
N LEU B 17 -24.85 19.77 22.95
CA LEU B 17 -23.50 20.07 23.40
C LEU B 17 -23.49 21.42 24.12
N ALA B 18 -24.27 22.38 23.61
CA ALA B 18 -24.33 23.70 24.22
C ALA B 18 -24.92 23.64 25.64
N GLN B 19 -25.69 22.60 25.96
CA GLN B 19 -26.35 22.45 27.24
C GLN B 19 -25.50 21.71 28.27
N ILE B 20 -24.27 21.26 27.93
CA ILE B 20 -23.47 20.48 28.88
C ILE B 20 -22.20 21.24 29.23
N ASP B 21 -21.66 20.94 30.43
CA ASP B 21 -20.46 21.58 30.94
C ASP B 21 -19.30 20.61 30.71
N VAL B 22 -18.56 20.85 29.62
CA VAL B 22 -17.57 19.87 29.19
C VAL B 22 -16.43 19.82 30.19
N PRO B 23 -15.84 20.97 30.62
CA PRO B 23 -14.72 20.97 31.57
C PRO B 23 -15.10 20.29 32.88
N GLN B 24 -16.34 20.54 33.35
CA GLN B 24 -16.89 19.85 34.50
C GLN B 24 -16.76 18.34 34.29
N ILE B 25 -17.33 17.83 33.18
CA ILE B 25 -17.46 16.40 32.95
C ILE B 25 -16.07 15.75 32.83
N LEU B 26 -15.15 16.43 32.16
CA LEU B 26 -13.81 15.90 31.96
C LEU B 26 -13.00 15.95 33.26
N HIS B 27 -13.25 16.96 34.12
CA HIS B 27 -12.62 17.03 35.44
C HIS B 27 -13.03 15.82 36.28
N LYS B 28 -14.33 15.59 36.40
CA LYS B 28 -14.84 14.43 37.12
C LYS B 28 -14.19 13.18 36.53
N LEU B 29 -14.32 13.04 35.20
CA LEU B 29 -13.84 11.88 34.47
C LEU B 29 -12.37 11.54 34.79
N PHE B 30 -11.47 12.53 34.78
CA PHE B 30 -10.04 12.27 34.96
C PHE B 30 -9.70 11.91 36.40
N ARG B 31 -10.43 12.49 37.37
CA ARG B 31 -10.35 12.06 38.76
C ARG B 31 -10.87 10.64 38.90
N ASP B 32 -11.97 10.35 38.19
CA ASP B 32 -12.57 9.02 38.21
C ASP B 32 -11.64 7.96 37.62
N LEU B 33 -10.76 8.36 36.69
CA LEU B 33 -9.91 7.39 36.00
C LEU B 33 -8.69 7.07 36.88
N ALA B 34 -8.17 8.11 37.57
CA ALA B 34 -7.11 7.96 38.56
C ALA B 34 -7.52 6.98 39.67
N ALA B 35 -8.77 7.07 40.13
CA ALA B 35 -9.26 6.28 41.26
C ALA B 35 -9.75 4.90 40.82
N GLY B 36 -9.47 4.49 39.57
CA GLY B 36 -9.82 3.17 39.08
C GLY B 36 -11.30 2.97 38.75
N LEU B 37 -12.13 4.03 38.77
CA LEU B 37 -13.57 3.87 38.61
C LEU B 37 -13.98 3.78 37.13
N ALA B 38 -13.07 4.11 36.22
CA ALA B 38 -13.30 3.92 34.79
C ALA B 38 -12.06 3.31 34.16
N VAL B 39 -12.27 2.57 33.06
CA VAL B 39 -11.20 1.91 32.30
C VAL B 39 -10.98 2.69 31.01
N GLN B 40 -9.70 3.06 30.77
CA GLN B 40 -9.25 3.64 29.51
C GLN B 40 -8.32 2.66 28.81
N PRO B 41 -8.90 1.74 27.98
CA PRO B 41 -8.09 0.87 27.13
C PRO B 41 -7.39 1.68 26.03
N ALA B 42 -6.38 1.08 25.39
CA ALA B 42 -5.65 1.76 24.35
C ALA B 42 -6.54 1.88 23.10
N GLN B 43 -6.34 2.97 22.35
CA GLN B 43 -6.95 3.20 21.05
C GLN B 43 -6.40 2.16 20.09
N GLN B 44 -7.18 1.90 19.03
CA GLN B 44 -6.75 1.01 17.98
C GLN B 44 -6.82 1.73 16.63
N LEU B 45 -5.66 1.78 15.97
CA LEU B 45 -5.57 2.27 14.61
C LEU B 45 -5.49 1.11 13.64
N VAL B 46 -6.37 1.16 12.62
CA VAL B 46 -6.47 0.16 11.58
C VAL B 46 -6.34 0.85 10.24
N ALA B 47 -5.30 0.46 9.49
CA ALA B 47 -5.04 1.00 8.16
C ALA B 47 -6.04 0.41 7.21
N PHE B 48 -6.64 1.24 6.32
CA PHE B 48 -7.30 0.73 5.13
C PHE B 48 -6.20 0.29 4.16
N PRO B 49 -6.46 -0.71 3.28
CA PRO B 49 -5.48 -1.08 2.26
C PRO B 49 -5.17 0.05 1.28
N LYS B 50 -3.96 0.02 0.71
CA LYS B 50 -3.57 0.69 -0.53
C LYS B 50 -3.56 2.22 -0.34
N GLY B 51 -3.21 2.67 0.87
CA GLY B 51 -3.06 4.09 1.14
C GLY B 51 -4.38 4.88 1.13
N ALA B 52 -5.48 4.18 1.40
CA ALA B 52 -6.81 4.77 1.31
C ALA B 52 -7.11 5.57 2.60
N GLY B 53 -6.37 5.24 3.66
CA GLY B 53 -6.48 5.94 4.93
C GLY B 53 -6.46 4.97 6.10
N ASP B 54 -7.23 5.31 7.13
CA ASP B 54 -7.30 4.50 8.33
C ASP B 54 -8.53 4.86 9.15
N PHE B 55 -8.81 4.07 10.19
CA PHE B 55 -9.70 4.52 11.24
C PHE B 55 -9.04 4.30 12.60
N ILE B 56 -9.47 5.10 13.57
CA ILE B 56 -9.14 4.85 14.96
C ILE B 56 -10.43 4.64 15.74
N ASN B 57 -10.40 3.56 16.54
CA ASN B 57 -11.45 3.28 17.51
C ASN B 57 -10.97 3.64 18.91
N TYR B 58 -11.77 4.47 19.61
CA TYR B 58 -11.54 4.89 20.97
C TYR B 58 -12.58 4.23 21.88
N LEU B 59 -12.13 3.59 22.98
CA LEU B 59 -13.02 2.85 23.85
C LEU B 59 -13.05 3.50 25.24
N GLY B 60 -14.09 3.17 26.00
CA GLY B 60 -14.23 3.66 27.36
C GLY B 60 -15.24 2.81 28.10
N VAL B 61 -14.98 2.53 29.38
CA VAL B 61 -15.98 1.94 30.25
C VAL B 61 -16.30 2.93 31.37
N LEU B 62 -17.49 3.52 31.30
CA LEU B 62 -17.98 4.39 32.38
C LEU B 62 -18.81 3.53 33.32
N ALA B 63 -18.14 2.71 34.13
CA ALA B 63 -18.82 1.69 34.93
C ALA B 63 -19.71 2.37 35.97
N GLU B 64 -19.45 3.65 36.26
CA GLU B 64 -20.25 4.40 37.22
C GLU B 64 -21.68 4.55 36.68
N ASP B 65 -21.80 4.90 35.39
CA ASP B 65 -23.06 5.32 34.81
C ASP B 65 -23.70 4.16 34.05
N GLY B 66 -23.09 2.96 34.13
CA GLY B 66 -23.66 1.75 33.54
C GLY B 66 -23.57 1.73 32.00
N VAL B 67 -22.53 2.33 31.45
CA VAL B 67 -22.39 2.44 30.00
C VAL B 67 -20.94 2.25 29.57
N TYR B 68 -20.77 1.58 28.43
CA TYR B 68 -19.52 1.69 27.71
C TYR B 68 -19.83 2.06 26.26
N GLY B 69 -18.78 2.38 25.52
CA GLY B 69 -18.97 2.65 24.11
C GLY B 69 -17.66 2.68 23.34
N VAL B 70 -17.84 2.94 22.04
CA VAL B 70 -16.75 2.99 21.07
C VAL B 70 -17.02 4.20 20.18
N LYS B 71 -16.01 5.05 20.04
CA LYS B 71 -16.03 6.05 18.99
C LYS B 71 -15.11 5.58 17.87
N THR B 72 -15.69 5.49 16.66
CA THR B 72 -14.94 5.19 15.45
C THR B 72 -14.75 6.46 14.65
N SER B 73 -13.52 6.68 14.18
CA SER B 73 -13.13 7.89 13.48
C SER B 73 -12.39 7.50 12.20
N PRO B 74 -13.07 7.39 11.05
CA PRO B 74 -12.39 7.18 9.78
C PRO B 74 -11.65 8.41 9.25
N TYR B 75 -10.54 8.14 8.59
CA TYR B 75 -9.64 9.11 8.03
C TYR B 75 -9.42 8.69 6.58
N ILE B 76 -10.10 9.38 5.67
CA ILE B 76 -10.15 9.02 4.28
C ILE B 76 -9.30 10.02 3.49
N VAL B 77 -8.18 9.50 2.98
CA VAL B 77 -7.22 10.24 2.18
C VAL B 77 -7.93 10.88 0.99
N GLY B 78 -7.63 12.17 0.77
CA GLY B 78 -8.14 12.98 -0.33
C GLY B 78 -7.02 13.75 -1.03
N GLU B 79 -7.39 14.49 -2.09
CA GLU B 79 -6.41 15.09 -2.97
C GLU B 79 -5.65 16.24 -2.27
N GLN B 80 -6.38 17.12 -1.59
CA GLN B 80 -5.76 18.19 -0.85
C GLN B 80 -6.31 18.21 0.57
N GLY B 81 -6.37 17.04 1.21
CA GLY B 81 -6.76 16.97 2.62
C GLY B 81 -7.63 15.75 2.93
N PRO B 82 -7.47 15.16 4.13
CA PRO B 82 -8.28 14.02 4.54
C PRO B 82 -9.72 14.43 4.88
N LEU B 83 -10.65 13.50 4.65
CA LEU B 83 -12.00 13.59 5.17
C LEU B 83 -12.01 12.75 6.43
N VAL B 84 -12.34 13.38 7.57
CA VAL B 84 -12.19 12.78 8.88
C VAL B 84 -13.54 12.91 9.59
N THR B 85 -14.13 11.80 10.03
CA THR B 85 -15.39 11.86 10.76
C THR B 85 -15.21 11.22 12.13
N ALA B 86 -16.32 11.12 12.88
CA ALA B 86 -16.31 10.56 14.21
C ALA B 86 -17.74 10.26 14.66
N TRP B 87 -18.03 8.96 14.86
CA TRP B 87 -19.32 8.49 15.35
C TRP B 87 -19.12 7.63 16.61
N THR B 88 -19.92 7.92 17.66
CA THR B 88 -19.81 7.23 18.93
C THR B 88 -21.04 6.35 19.19
N LEU B 89 -20.79 5.05 19.41
CA LEU B 89 -21.83 4.11 19.81
C LEU B 89 -21.69 3.86 21.31
N LEU B 90 -22.76 4.19 22.05
CA LEU B 90 -22.82 4.02 23.50
C LEU B 90 -23.70 2.82 23.82
N MET B 91 -23.15 1.86 24.58
CA MET B 91 -23.79 0.59 24.86
C MET B 91 -24.20 0.53 26.33
N SER B 92 -25.19 -0.31 26.66
CA SER B 92 -25.61 -0.53 28.05
C SER B 92 -24.84 -1.67 28.69
N MET B 93 -24.33 -1.42 29.91
CA MET B 93 -23.70 -2.46 30.72
C MET B 93 -24.70 -3.25 31.57
N HIS B 94 -25.98 -2.85 31.57
CA HIS B 94 -27.02 -3.61 32.27
C HIS B 94 -27.63 -4.64 31.33
N ASN B 95 -28.01 -4.23 30.10
CA ASN B 95 -28.70 -5.16 29.21
C ASN B 95 -27.97 -5.41 27.88
N GLY B 96 -26.80 -4.79 27.66
CA GLY B 96 -25.98 -5.06 26.49
C GLY B 96 -26.56 -4.56 25.18
N GLN B 97 -27.52 -3.61 25.26
CA GLN B 97 -28.15 -3.02 24.10
C GLN B 97 -27.59 -1.61 23.85
N PRO B 98 -27.70 -1.12 22.58
CA PRO B 98 -27.23 0.23 22.24
C PRO B 98 -28.19 1.31 22.73
N LEU B 99 -27.59 2.38 23.23
CA LEU B 99 -28.33 3.48 23.82
C LEU B 99 -28.36 4.68 22.87
N LEU B 100 -27.21 4.90 22.19
CA LEU B 100 -26.99 6.11 21.42
C LEU B 100 -25.94 5.85 20.35
N LEU B 101 -26.26 6.28 19.12
CA LEU B 101 -25.30 6.43 18.04
C LEU B 101 -25.34 7.91 17.65
N CYS B 102 -24.22 8.57 17.91
CA CYS B 102 -24.14 10.00 17.90
C CYS B 102 -23.02 10.46 16.96
N ASP B 103 -23.30 11.50 16.16
CA ASP B 103 -22.28 12.21 15.40
C ASP B 103 -21.40 12.98 16.41
N ALA B 104 -20.10 12.67 16.42
CA ALA B 104 -19.21 13.16 17.46
C ALA B 104 -18.21 14.17 16.90
N HIS B 105 -18.49 14.71 15.70
CA HIS B 105 -17.64 15.70 15.06
C HIS B 105 -17.33 16.86 16.03
N GLU B 106 -18.38 17.54 16.54
CA GLU B 106 -18.24 18.72 17.38
C GLU B 106 -17.96 18.32 18.82
N LEU B 107 -18.57 17.21 19.28
CA LEU B 107 -18.25 16.68 20.60
C LEU B 107 -16.72 16.58 20.69
N THR B 108 -16.11 16.01 19.65
CA THR B 108 -14.68 15.78 19.62
C THR B 108 -13.92 17.11 19.74
N THR B 109 -14.24 18.09 18.91
CA THR B 109 -13.64 19.42 18.94
C THR B 109 -13.64 20.00 20.37
N ALA B 110 -14.79 19.88 21.05
CA ALA B 110 -14.99 20.40 22.40
C ALA B 110 -14.12 19.69 23.42
N ARG B 111 -14.13 18.35 23.41
CA ARG B 111 -13.40 17.60 24.42
C ARG B 111 -11.88 17.75 24.19
N THR B 112 -11.48 18.14 22.99
CA THR B 112 -10.07 18.34 22.68
C THR B 112 -9.61 19.70 23.23
N ALA B 113 -10.42 20.72 23.05
CA ALA B 113 -10.07 22.03 23.56
C ALA B 113 -10.13 22.00 25.09
N ALA B 114 -11.18 21.39 25.62
CA ALA B 114 -11.39 21.37 27.05
C ALA B 114 -10.28 20.55 27.71
N THR B 115 -9.82 19.48 27.04
CA THR B 115 -8.78 18.65 27.63
C THR B 115 -7.51 19.49 27.77
N THR B 116 -7.23 20.33 26.78
CA THR B 116 -6.05 21.17 26.80
C THR B 116 -6.18 22.27 27.86
N ALA B 117 -7.43 22.70 28.14
CA ALA B 117 -7.69 23.74 29.13
C ALA B 117 -7.43 23.23 30.54
N LEU B 118 -7.93 22.02 30.87
CA LEU B 118 -7.55 21.30 32.09
C LEU B 118 -6.03 21.28 32.26
N ALA B 119 -5.31 21.03 31.15
CA ALA B 119 -3.88 20.90 31.19
C ALA B 119 -3.23 22.26 31.44
N VAL B 120 -3.78 23.31 30.83
CA VAL B 120 -3.21 24.64 30.97
C VAL B 120 -3.40 25.15 32.40
N ASP B 121 -4.56 24.82 32.99
CA ASP B 121 -4.85 25.18 34.36
C ASP B 121 -3.75 24.62 35.26
N ALA B 122 -3.51 23.30 35.16
CA ALA B 122 -2.70 22.57 36.13
C ALA B 122 -1.22 22.80 35.89
N LEU B 123 -0.84 23.33 34.72
CA LEU B 123 0.57 23.38 34.33
C LEU B 123 1.06 24.81 34.09
N ALA B 124 0.18 25.73 33.71
CA ALA B 124 0.65 27.07 33.40
C ALA B 124 1.06 27.76 34.69
N PRO B 125 2.07 28.67 34.67
CA PRO B 125 2.34 29.54 35.82
C PRO B 125 1.12 30.38 36.18
N LEU B 126 0.70 30.37 37.46
CA LEU B 126 -0.48 31.10 37.89
C LEU B 126 -0.37 32.58 37.48
N ALA B 127 0.86 33.05 37.24
CA ALA B 127 1.10 34.40 36.77
C ALA B 127 1.56 34.39 35.32
N ALA B 128 0.81 33.71 34.44
CA ALA B 128 1.13 33.65 33.02
C ALA B 128 0.31 34.70 32.27
N ARG B 129 0.96 35.41 31.35
CA ARG B 129 0.44 36.67 30.83
C ARG B 129 0.16 36.57 29.32
N ARG B 130 1.15 36.12 28.54
CA ARG B 130 1.08 36.13 27.08
C ARG B 130 0.77 34.74 26.54
N LEU B 131 -0.21 34.68 25.61
CA LEU B 131 -0.73 33.44 25.04
C LEU B 131 -0.58 33.50 23.52
N ALA B 132 -0.09 32.38 22.96
CA ALA B 132 0.04 32.20 21.52
C ALA B 132 -0.71 30.94 21.08
N ILE B 133 -1.38 31.02 19.92
CA ILE B 133 -2.17 29.91 19.41
C ILE B 133 -1.74 29.71 17.96
N ILE B 134 -1.22 28.51 17.65
CA ILE B 134 -0.86 28.17 16.28
C ILE B 134 -2.00 27.35 15.67
N GLY B 135 -2.46 27.79 14.50
CA GLY B 135 -3.70 27.32 13.91
C GLY B 135 -4.86 28.28 14.19
N SER B 136 -5.82 28.32 13.27
CA SER B 136 -6.92 29.27 13.38
C SER B 136 -8.27 28.66 13.01
N GLY B 137 -8.35 27.32 13.01
CA GLY B 137 -9.56 26.61 12.64
C GLY B 137 -10.41 26.27 13.86
N LYS B 138 -11.36 25.35 13.65
CA LYS B 138 -12.40 25.05 14.62
C LYS B 138 -11.80 24.70 15.98
N VAL B 139 -10.72 23.90 15.97
CA VAL B 139 -10.06 23.42 17.17
C VAL B 139 -9.36 24.61 17.87
N ALA B 140 -8.60 25.41 17.12
CA ALA B 140 -8.00 26.63 17.66
C ALA B 140 -9.05 27.59 18.24
N GLN B 141 -10.19 27.74 17.55
CA GLN B 141 -11.29 28.54 18.07
C GLN B 141 -11.81 27.98 19.39
N ALA B 142 -12.07 26.67 19.46
CA ALA B 142 -12.51 26.07 20.73
C ALA B 142 -11.49 26.31 21.86
N HIS B 143 -10.18 26.21 21.57
CA HIS B 143 -9.15 26.33 22.58
C HIS B 143 -9.18 27.74 23.17
N LEU B 144 -9.17 28.72 22.28
CA LEU B 144 -9.23 30.12 22.62
C LEU B 144 -10.40 30.44 23.54
N ARG B 145 -11.51 29.69 23.42
CA ARG B 145 -12.70 29.99 24.20
C ARG B 145 -12.72 29.17 25.50
N TYR B 146 -11.97 28.08 25.58
CA TYR B 146 -11.94 27.30 26.82
C TYR B 146 -10.85 27.76 27.78
N VAL B 147 -9.80 28.43 27.27
CA VAL B 147 -8.66 28.78 28.12
C VAL B 147 -8.65 30.28 28.45
N GLN B 148 -9.72 31.01 28.08
CA GLN B 148 -9.71 32.46 28.17
C GLN B 148 -9.76 32.96 29.62
N ASN B 149 -10.44 32.27 30.54
CA ASN B 149 -10.59 32.77 31.91
C ASN B 149 -9.71 32.00 32.90
N LEU B 150 -8.64 31.35 32.40
CA LEU B 150 -7.79 30.51 33.23
C LEU B 150 -6.64 31.34 33.83
N ARG B 151 -6.22 32.39 33.12
CA ARG B 151 -5.18 33.30 33.58
C ARG B 151 -5.57 34.72 33.20
N ASP B 152 -4.85 35.71 33.75
CA ASP B 152 -5.04 37.09 33.36
C ASP B 152 -4.27 37.34 32.06
N TRP B 153 -4.84 36.91 30.93
CA TRP B 153 -4.16 37.06 29.65
C TRP B 153 -4.13 38.54 29.26
N GLN B 154 -2.92 39.06 28.99
CA GLN B 154 -2.75 40.46 28.65
C GLN B 154 -2.51 40.61 27.14
N HIS B 155 -1.96 39.56 26.51
CA HIS B 155 -1.88 39.47 25.05
C HIS B 155 -2.18 38.05 24.57
N ILE B 156 -2.94 37.96 23.47
CA ILE B 156 -3.26 36.70 22.83
C ILE B 156 -2.92 36.83 21.35
N SER B 157 -1.90 36.09 20.91
CA SER B 157 -1.50 36.14 19.51
C SER B 157 -1.94 34.84 18.82
N LEU B 158 -2.11 34.89 17.48
CA LEU B 158 -2.63 33.75 16.75
C LEU B 158 -2.08 33.74 15.32
N PHE B 159 -1.65 32.56 14.85
CA PHE B 159 -1.08 32.41 13.52
C PHE B 159 -1.59 31.15 12.81
N SER B 160 -1.89 31.32 11.51
CA SER B 160 -2.01 30.27 10.52
C SER B 160 -1.60 30.83 9.15
N PRO B 161 -1.05 30.04 8.21
CA PRO B 161 -0.62 30.61 6.93
C PRO B 161 -1.73 31.21 6.06
N SER B 162 -3.01 30.88 6.33
CA SER B 162 -4.12 31.39 5.54
C SER B 162 -4.51 32.81 5.96
N LEU B 163 -4.28 33.16 7.24
CA LEU B 163 -4.63 34.48 7.74
C LEU B 163 -3.59 35.52 7.29
N ALA B 164 -2.33 35.33 7.71
CA ALA B 164 -1.19 36.19 7.35
C ALA B 164 -1.62 37.37 6.47
N PRO B 168 -13.75 34.37 8.60
CA PRO B 168 -14.89 33.56 8.12
C PRO B 168 -15.73 32.95 9.26
N ALA B 169 -15.24 31.85 9.81
CA ALA B 169 -15.89 31.25 10.96
C ALA B 169 -14.95 31.45 12.11
N THR B 170 -13.84 32.15 11.88
CA THR B 170 -13.00 32.50 13.01
C THR B 170 -13.32 33.90 13.46
N LEU B 171 -13.77 34.77 12.57
CA LEU B 171 -14.15 36.09 13.06
C LEU B 171 -15.22 35.80 14.06
N ALA B 172 -15.93 34.70 13.85
CA ALA B 172 -16.93 34.26 14.81
C ALA B 172 -16.28 33.90 16.14
N GLN B 173 -14.94 33.78 16.16
CA GLN B 173 -14.21 33.55 17.41
C GLN B 173 -13.15 34.61 17.69
N LEU B 174 -12.63 35.35 16.70
CA LEU B 174 -11.84 36.55 17.03
C LEU B 174 -12.62 37.35 18.08
N THR B 175 -13.92 37.54 17.79
CA THR B 175 -14.81 38.35 18.61
C THR B 175 -15.69 37.46 19.47
N GLY B 176 -15.25 36.23 19.70
CA GLY B 176 -15.83 35.34 20.69
C GLY B 176 -15.11 35.46 22.02
N LEU B 177 -13.92 36.10 21.99
CA LEU B 177 -13.31 36.71 23.17
C LEU B 177 -12.96 38.18 22.86
N LEU B 181 -4.46 40.91 22.07
CA LEU B 181 -5.31 40.20 21.06
C LEU B 181 -4.85 40.57 19.65
N SER B 182 -4.23 39.63 18.92
CA SER B 182 -3.68 39.94 17.61
C SER B 182 -3.51 38.70 16.73
N ILE B 183 -3.34 38.96 15.42
CA ILE B 183 -3.09 37.98 14.38
C ILE B 183 -1.71 38.27 13.80
N ALA B 184 -0.72 37.43 14.10
CA ALA B 184 0.65 37.68 13.66
C ALA B 184 0.82 37.27 12.20
N ASP B 185 1.94 37.68 11.61
CA ASP B 185 2.21 37.41 10.20
C ASP B 185 3.12 36.18 10.07
N SER B 186 3.63 35.66 11.20
CA SER B 186 4.51 34.48 11.22
C SER B 186 4.29 33.70 12.52
N CYS B 187 4.80 32.45 12.53
CA CYS B 187 4.86 31.64 13.74
C CYS B 187 5.72 32.31 14.81
N ALA B 188 6.89 32.81 14.38
CA ALA B 188 7.90 33.41 15.25
C ALA B 188 7.34 34.62 16.00
N ALA B 189 6.68 35.51 15.24
CA ALA B 189 6.07 36.72 15.75
C ALA B 189 4.97 36.39 16.77
N ALA B 190 4.24 35.29 16.53
CA ALA B 190 3.07 34.95 17.33
C ALA B 190 3.48 34.48 18.72
N VAL B 191 4.65 33.83 18.79
CA VAL B 191 5.09 33.13 19.99
C VAL B 191 6.21 33.90 20.69
N ALA B 192 6.59 35.08 20.18
CA ALA B 192 7.53 35.95 20.89
C ALA B 192 6.99 36.24 22.31
N ASP B 193 7.74 35.82 23.34
CA ASP B 193 7.52 36.18 24.73
C ASP B 193 6.31 35.43 25.31
N ALA B 194 5.81 34.44 24.55
CA ALA B 194 4.67 33.64 24.96
C ALA B 194 5.01 32.91 26.25
N ASP B 195 4.02 32.83 27.16
CA ASP B 195 4.16 32.02 28.35
C ASP B 195 3.56 30.63 28.05
N VAL B 196 2.48 30.61 27.25
CA VAL B 196 1.81 29.39 26.83
C VAL B 196 1.58 29.43 25.31
N ILE B 197 2.05 28.37 24.64
CA ILE B 197 1.88 28.18 23.21
C ILE B 197 1.01 26.94 22.99
N MET B 198 -0.16 27.15 22.35
CA MET B 198 -1.08 26.07 22.05
C MET B 198 -1.04 25.76 20.55
N LEU B 199 -0.50 24.59 20.22
CA LEU B 199 -0.44 24.13 18.84
C LEU B 199 -1.81 23.48 18.56
N CYS B 200 -2.57 24.09 17.66
CA CYS B 200 -3.95 23.68 17.41
C CYS B 200 -4.15 23.45 15.93
N THR B 201 -3.20 22.74 15.32
CA THR B 201 -3.16 22.56 13.88
C THR B 201 -3.64 21.17 13.46
N SER B 202 -3.88 21.06 12.16
CA SER B 202 -4.17 19.81 11.48
C SER B 202 -2.91 19.30 10.78
N SER B 203 -1.76 19.87 11.14
CA SER B 203 -0.47 19.42 10.63
C SER B 203 -0.19 17.99 11.08
N ALA B 204 0.48 17.29 10.16
CA ALA B 204 1.05 15.95 10.32
C ALA B 204 2.49 16.01 10.86
N GLY B 205 3.20 17.12 10.59
CA GLY B 205 4.59 17.29 11.02
C GLY B 205 4.82 18.64 11.71
N PRO B 206 6.06 18.90 12.20
CA PRO B 206 6.36 20.06 13.05
C PRO B 206 5.90 21.42 12.54
N VAL B 207 5.28 22.20 13.44
CA VAL B 207 4.89 23.57 13.15
C VAL B 207 5.66 24.57 14.02
N LEU B 208 6.28 24.05 15.11
CA LEU B 208 7.02 24.81 16.09
C LEU B 208 8.26 24.02 16.49
N ASP B 209 9.42 24.69 16.55
CA ASP B 209 10.62 24.08 17.13
C ASP B 209 10.86 24.75 18.48
N PRO B 210 10.68 24.03 19.62
CA PRO B 210 10.87 24.62 20.94
C PRO B 210 12.28 25.15 21.25
N ALA B 211 13.23 24.95 20.32
CA ALA B 211 14.60 25.40 20.47
C ALA B 211 14.82 26.82 19.94
N HIS B 212 13.85 27.36 19.20
CA HIS B 212 13.97 28.70 18.64
C HIS B 212 13.20 29.71 19.49
N LEU B 213 12.65 29.25 20.62
CA LEU B 213 11.96 30.10 21.58
C LEU B 213 12.99 30.96 22.32
N SER B 214 12.59 32.19 22.67
CA SER B 214 13.45 33.09 23.44
C SER B 214 13.46 32.73 24.92
N LYS B 215 12.40 32.07 25.40
CA LYS B 215 12.37 31.61 26.78
C LYS B 215 11.46 30.39 26.93
N PRO B 216 11.61 29.62 28.03
CA PRO B 216 10.68 28.55 28.40
C PRO B 216 9.18 28.90 28.39
N ALA B 217 8.37 27.94 27.93
CA ALA B 217 6.92 28.07 27.88
C ALA B 217 6.26 26.72 28.10
N LEU B 218 4.95 26.73 28.42
CA LEU B 218 4.13 25.55 28.22
C LEU B 218 3.75 25.46 26.73
N ILE B 219 4.07 24.31 26.12
CA ILE B 219 3.74 24.00 24.73
C ILE B 219 2.76 22.83 24.76
N THR B 220 1.55 23.05 24.21
CA THR B 220 0.54 22.00 24.11
C THR B 220 0.32 21.63 22.63
N SER B 221 -0.11 20.37 22.40
CA SER B 221 -0.23 19.77 21.08
C SER B 221 -1.45 18.86 21.09
N ILE B 222 -2.20 18.85 19.96
CA ILE B 222 -3.40 18.03 19.87
C ILE B 222 -3.51 17.25 18.56
N SER B 223 -2.68 17.53 17.56
CA SER B 223 -2.96 17.03 16.22
C SER B 223 -2.93 15.50 16.17
N THR B 224 -3.99 14.95 15.55
CA THR B 224 -4.16 13.54 15.25
C THR B 224 -4.47 13.34 13.76
N ASN B 225 -4.05 14.30 12.91
CA ASN B 225 -4.47 14.33 11.51
C ASN B 225 -3.49 13.58 10.58
N ALA B 226 -2.99 12.46 11.08
CA ALA B 226 -2.17 11.53 10.33
C ALA B 226 -1.91 10.35 11.24
N PRO B 227 -1.47 9.18 10.73
CA PRO B 227 -1.15 8.03 11.60
C PRO B 227 -0.21 8.38 12.78
N ARG B 228 0.79 9.23 12.52
CA ARG B 228 1.73 9.64 13.56
C ARG B 228 1.92 11.16 13.52
N ALA B 229 0.82 11.90 13.38
CA ALA B 229 0.82 13.35 13.38
C ALA B 229 1.54 13.89 14.62
N HIS B 230 2.27 14.99 14.45
CA HIS B 230 2.96 15.63 15.57
C HIS B 230 3.29 17.06 15.18
N GLU B 231 3.31 17.97 16.17
CA GLU B 231 3.44 19.40 15.92
C GLU B 231 4.78 19.97 16.40
N VAL B 232 5.65 19.11 16.95
CA VAL B 232 6.98 19.52 17.36
C VAL B 232 7.99 18.50 16.83
N PRO B 233 9.25 18.88 16.55
CA PRO B 233 10.27 17.89 16.19
C PRO B 233 10.38 16.86 17.31
N PRO B 234 10.18 15.55 17.05
CA PRO B 234 10.25 14.54 18.11
C PRO B 234 11.49 14.55 19.00
N HIS B 235 12.64 14.98 18.46
CA HIS B 235 13.89 15.03 19.22
C HIS B 235 13.75 16.02 20.38
N SER B 236 12.95 17.08 20.16
CA SER B 236 12.70 18.14 21.14
C SER B 236 12.13 17.60 22.45
N LEU B 237 11.49 16.43 22.44
CA LEU B 237 10.93 15.86 23.67
C LEU B 237 12.03 15.59 24.71
N ASN B 238 13.26 15.38 24.24
CA ASN B 238 14.41 15.14 25.09
C ASN B 238 14.83 16.40 25.85
N ALA B 239 14.44 17.60 25.37
CA ALA B 239 14.81 18.89 25.96
C ALA B 239 13.60 19.58 26.56
N MET B 240 12.61 18.80 27.04
CA MET B 240 11.36 19.34 27.53
C MET B 240 10.83 18.44 28.63
N GLN B 241 10.05 19.02 29.54
CA GLN B 241 9.41 18.26 30.60
C GLN B 241 8.05 17.80 30.08
N VAL B 242 7.89 16.48 29.93
CA VAL B 242 6.83 15.93 29.10
C VAL B 242 5.67 15.47 29.98
N PHE B 243 4.47 15.96 29.64
CA PHE B 243 3.23 15.47 30.23
C PHE B 243 2.28 15.10 29.11
N CYS B 244 1.24 14.33 29.43
CA CYS B 244 0.34 13.87 28.40
C CYS B 244 -0.99 13.55 29.06
N ASP B 245 -2.01 13.26 28.25
CA ASP B 245 -3.37 13.05 28.74
C ASP B 245 -3.39 11.82 29.65
N TYR B 246 -2.94 10.66 29.16
CA TYR B 246 -2.95 9.43 29.95
C TYR B 246 -1.67 8.66 29.62
N ARG B 247 -0.80 8.46 30.62
CA ARG B 247 0.53 7.91 30.40
C ARG B 247 0.48 6.42 30.06
N GLN B 248 -0.62 5.72 30.39
CA GLN B 248 -0.66 4.28 30.20
C GLN B 248 -0.80 3.92 28.72
N THR B 249 -1.32 4.85 27.89
CA THR B 249 -1.71 4.54 26.51
C THR B 249 -1.07 5.46 25.47
N THR B 250 -1.08 6.78 25.73
CA THR B 250 -0.75 7.81 24.77
C THR B 250 0.72 7.75 24.35
N PRO B 251 1.70 7.48 25.23
CA PRO B 251 3.09 7.40 24.81
C PRO B 251 3.36 6.34 23.73
N ASP B 252 2.43 5.38 23.60
CA ASP B 252 2.50 4.28 22.65
C ASP B 252 1.72 4.52 21.36
N ALA B 253 1.19 5.75 21.19
CA ALA B 253 0.39 6.08 20.02
C ALA B 253 0.75 7.47 19.49
N ALA B 254 1.06 8.41 20.38
CA ALA B 254 1.38 9.76 19.99
C ALA B 254 2.60 9.77 19.08
N GLY B 255 2.43 10.38 17.92
CA GLY B 255 3.46 10.36 16.89
C GLY B 255 4.85 10.68 17.44
N GLU B 256 4.97 11.82 18.13
CA GLU B 256 6.29 12.38 18.42
C GLU B 256 6.96 11.49 19.46
N MET B 257 6.16 10.89 20.35
CA MET B 257 6.68 10.06 21.42
C MET B 257 7.20 8.73 20.88
N LEU B 258 6.44 8.14 19.94
CA LEU B 258 6.88 6.98 19.19
C LEU B 258 8.17 7.27 18.41
N ILE B 259 8.22 8.36 17.64
CA ILE B 259 9.42 8.65 16.84
C ILE B 259 10.63 8.96 17.74
N ALA B 260 10.42 9.69 18.84
CA ALA B 260 11.50 10.05 19.76
C ALA B 260 12.11 8.80 20.41
N SER B 261 11.22 7.93 20.90
CA SER B 261 11.59 6.62 21.43
C SER B 261 12.32 5.73 20.42
N GLU B 262 11.99 5.79 19.13
CA GLU B 262 12.56 4.86 18.17
C GLU B 262 13.91 5.33 17.60
N GLN B 263 14.21 6.64 17.70
CA GLN B 263 15.31 7.20 16.91
C GLN B 263 16.15 8.23 17.69
N HIS B 264 15.63 8.73 18.81
CA HIS B 264 16.24 9.84 19.54
C HIS B 264 16.46 9.44 21.00
N GLY B 265 16.40 8.14 21.29
CA GLY B 265 16.76 7.58 22.57
C GLY B 265 15.88 8.07 23.73
N TRP B 266 14.74 8.70 23.42
CA TRP B 266 13.80 9.17 24.42
C TRP B 266 13.10 7.95 25.01
N ASP B 267 12.71 8.05 26.29
CA ASP B 267 12.05 6.94 26.94
C ASP B 267 10.80 7.44 27.66
N LYS B 268 9.69 6.70 27.46
CA LYS B 268 8.36 7.03 27.94
C LYS B 268 8.31 7.22 29.46
N ARG B 269 9.36 6.81 30.18
CA ARG B 269 9.36 6.90 31.64
C ARG B 269 9.73 8.32 32.07
N ALA B 270 10.23 9.15 31.15
CA ALA B 270 10.43 10.57 31.39
C ALA B 270 9.10 11.33 31.48
N VAL B 271 7.97 10.69 31.14
CA VAL B 271 6.69 11.37 31.27
C VAL B 271 6.49 11.74 32.74
N MET B 272 6.54 13.04 33.03
CA MET B 272 6.54 13.54 34.40
C MET B 272 5.13 13.56 34.99
N GLY B 273 4.08 13.46 34.15
CA GLY B 273 2.71 13.36 34.64
C GLY B 273 1.65 13.30 33.54
N ASP B 274 0.51 12.72 33.88
CA ASP B 274 -0.66 12.76 33.02
C ASP B 274 -1.76 13.53 33.75
N LEU B 275 -2.93 13.63 33.10
CA LEU B 275 -4.01 14.47 33.62
C LEU B 275 -4.66 13.83 34.83
N PRO B 276 -4.92 12.50 34.84
CA PRO B 276 -5.36 11.81 36.06
C PRO B 276 -4.47 12.14 37.26
N GLU B 277 -3.16 12.19 37.03
CA GLU B 277 -2.21 12.45 38.09
C GLU B 277 -2.25 13.93 38.45
N LEU B 278 -2.30 14.81 37.44
CA LEU B 278 -2.25 16.24 37.70
C LEU B 278 -3.44 16.68 38.54
N LEU B 279 -4.60 16.05 38.35
CA LEU B 279 -5.84 16.49 38.98
C LEU B 279 -6.15 15.62 40.20
N SER B 280 -5.15 14.86 40.66
CA SER B 280 -5.21 14.14 41.92
C SER B 280 -3.94 14.37 42.75
N ASP B 281 -3.20 15.46 42.44
CA ASP B 281 -1.99 15.90 43.11
C ASP B 281 -0.85 14.87 43.06
N MET B 282 -0.87 13.98 42.09
CA MET B 282 0.11 12.89 42.02
C MET B 282 1.19 13.05 40.94
N ALA B 283 1.32 14.24 40.39
CA ALA B 283 2.32 14.48 39.37
C ALA B 283 3.48 15.32 39.87
N GLN B 284 4.14 16.02 38.96
CA GLN B 284 5.29 16.83 39.32
C GLN B 284 5.38 18.08 38.47
N PRO B 291 11.07 24.19 30.05
CA PRO B 291 10.07 24.08 28.96
C PRO B 291 9.14 22.89 29.22
N VAL B 292 7.84 23.10 29.07
CA VAL B 292 6.89 22.03 29.38
C VAL B 292 6.09 21.71 28.11
N PHE B 293 6.01 20.40 27.83
CA PHE B 293 5.22 19.88 26.72
C PHE B 293 4.06 19.09 27.31
N PHE B 294 2.84 19.38 26.81
CA PHE B 294 1.67 18.56 27.08
C PHE B 294 1.08 18.05 25.77
N ARG B 295 0.88 16.73 25.69
CA ARG B 295 0.37 16.07 24.49
C ARG B 295 -1.00 15.46 24.76
N SER B 296 -1.96 15.80 23.90
CA SER B 296 -3.28 15.19 23.88
C SER B 296 -3.48 14.50 22.53
N ILE B 297 -3.95 13.25 22.49
CA ILE B 297 -4.34 12.65 21.22
C ILE B 297 -5.81 12.20 21.23
N GLY B 298 -6.53 12.52 22.30
CA GLY B 298 -7.88 11.99 22.49
C GLY B 298 -7.91 10.63 23.18
N LEU B 299 -8.96 10.44 23.97
CA LEU B 299 -9.16 9.25 24.77
C LEU B 299 -10.63 8.92 24.70
N GLY B 300 -10.96 7.64 24.52
CA GLY B 300 -12.33 7.18 24.39
C GLY B 300 -13.23 7.57 25.56
N LEU B 301 -12.68 7.59 26.79
CA LEU B 301 -13.47 7.96 27.96
C LEU B 301 -14.08 9.34 27.80
N GLU B 302 -13.28 10.30 27.30
CA GLU B 302 -13.78 11.62 27.00
C GLU B 302 -14.96 11.51 26.04
N ASP B 303 -14.79 10.67 25.01
CA ASP B 303 -15.81 10.50 23.98
C ASP B 303 -17.06 9.87 24.58
N ILE B 304 -16.87 8.83 25.40
CA ILE B 304 -17.99 8.13 26.01
C ILE B 304 -18.71 9.02 27.03
N ALA B 305 -17.95 9.76 27.86
CA ALA B 305 -18.53 10.71 28.80
C ALA B 305 -19.49 11.68 28.12
N LEU B 306 -19.05 12.30 27.01
CA LEU B 306 -19.84 13.32 26.33
C LEU B 306 -21.06 12.70 25.65
N ALA B 307 -20.88 11.51 25.05
CA ALA B 307 -21.99 10.82 24.42
C ALA B 307 -23.05 10.49 25.47
N ASN B 308 -22.60 10.04 26.64
CA ASN B 308 -23.47 9.63 27.74
C ASN B 308 -24.26 10.83 28.28
N ALA B 309 -23.63 12.01 28.35
CA ALA B 309 -24.31 13.24 28.68
C ALA B 309 -25.50 13.48 27.74
N LEU B 310 -25.30 13.34 26.41
CA LEU B 310 -26.39 13.54 25.45
C LEU B 310 -27.48 12.49 25.65
N TYR B 311 -27.09 11.25 25.99
CA TYR B 311 -28.07 10.20 26.21
C TYR B 311 -28.91 10.51 27.44
N GLN B 312 -28.29 11.07 28.51
CA GLN B 312 -28.99 11.38 29.74
C GLN B 312 -30.02 12.49 29.47
N LEU B 313 -29.69 13.41 28.55
CA LEU B 313 -30.56 14.53 28.22
C LEU B 313 -31.88 14.02 27.65
N GLN B 314 -31.85 13.01 26.78
CA GLN B 314 -33.06 12.28 26.45
C GLN B 314 -33.38 11.34 27.62
N THR C 4 20.71 22.84 -24.89
CA THR C 4 19.90 21.74 -24.31
C THR C 4 20.83 20.83 -23.50
N PRO C 5 20.34 20.11 -22.47
CA PRO C 5 18.91 20.01 -22.15
C PRO C 5 18.28 21.11 -21.28
N HIS C 6 17.15 21.64 -21.74
CA HIS C 6 16.30 22.53 -20.96
C HIS C 6 15.68 21.75 -19.81
N VAL C 7 15.66 22.38 -18.63
CA VAL C 7 15.01 21.87 -17.43
C VAL C 7 13.82 22.78 -17.12
N ILE C 8 12.61 22.18 -17.18
CA ILE C 8 11.33 22.86 -17.04
C ILE C 8 10.67 22.42 -15.74
N GLN C 9 10.58 23.34 -14.78
CA GLN C 9 9.88 23.15 -13.52
C GLN C 9 8.39 23.46 -13.73
N GLN C 10 7.59 23.21 -12.69
CA GLN C 10 6.12 23.05 -12.76
C GLN C 10 5.44 24.29 -13.34
N ALA C 11 5.84 25.47 -12.88
CA ALA C 11 5.16 26.71 -13.23
C ALA C 11 5.30 26.95 -14.73
N GLN C 12 6.54 26.78 -15.19
CA GLN C 12 6.82 27.02 -16.60
C GLN C 12 6.13 25.96 -17.45
N ALA C 13 6.17 24.68 -17.01
CA ALA C 13 5.49 23.60 -17.70
C ALA C 13 4.00 23.89 -17.86
N ARG C 14 3.37 24.40 -16.79
CA ARG C 14 1.97 24.80 -16.83
C ARG C 14 1.77 25.80 -17.97
N GLU C 15 2.62 26.85 -18.00
CA GLU C 15 2.46 27.95 -18.94
C GLU C 15 2.61 27.46 -20.39
N LEU C 16 3.57 26.56 -20.63
CA LEU C 16 3.83 26.04 -21.96
C LEU C 16 2.71 25.11 -22.40
N LEU C 17 2.11 24.38 -21.45
CA LEU C 17 1.04 23.44 -21.79
C LEU C 17 -0.15 24.20 -22.36
N ALA C 18 -0.40 25.41 -21.82
CA ALA C 18 -1.54 26.21 -22.26
C ALA C 18 -1.42 26.55 -23.75
N GLN C 19 -0.19 26.46 -24.31
CA GLN C 19 0.06 26.83 -25.69
C GLN C 19 -0.09 25.65 -26.67
N ILE C 20 -0.16 24.41 -26.16
CA ILE C 20 -0.25 23.24 -27.05
C ILE C 20 -1.68 22.74 -27.08
N ASP C 21 -2.03 22.08 -28.18
CA ASP C 21 -3.34 21.48 -28.39
C ASP C 21 -3.25 19.98 -28.09
N VAL C 22 -3.55 19.61 -26.84
CA VAL C 22 -3.37 18.23 -26.37
C VAL C 22 -4.25 17.27 -27.17
N PRO C 23 -5.55 17.53 -27.43
CA PRO C 23 -6.35 16.63 -28.29
C PRO C 23 -5.79 16.37 -29.70
N GLN C 24 -5.18 17.40 -30.30
CA GLN C 24 -4.64 17.30 -31.64
C GLN C 24 -3.43 16.36 -31.64
N ILE C 25 -2.56 16.56 -30.65
CA ILE C 25 -1.33 15.81 -30.49
C ILE C 25 -1.64 14.35 -30.21
N LEU C 26 -2.61 14.09 -29.31
CA LEU C 26 -2.92 12.72 -28.90
C LEU C 26 -3.65 11.98 -30.02
N HIS C 27 -4.54 12.67 -30.73
CA HIS C 27 -5.26 12.09 -31.87
C HIS C 27 -4.26 11.61 -32.94
N LYS C 28 -3.24 12.43 -33.23
CA LYS C 28 -2.14 12.06 -34.13
C LYS C 28 -1.36 10.87 -33.56
N LEU C 29 -1.10 10.89 -32.25
CA LEU C 29 -0.34 9.83 -31.58
C LEU C 29 -0.96 8.46 -31.83
N PHE C 30 -2.29 8.41 -31.71
CA PHE C 30 -3.00 7.14 -31.65
C PHE C 30 -3.20 6.52 -33.04
N ARG C 31 -3.42 7.37 -34.05
CA ARG C 31 -3.38 6.93 -35.45
C ARG C 31 -1.98 6.45 -35.82
N ASP C 32 -0.94 7.19 -35.42
CA ASP C 32 0.44 6.81 -35.73
C ASP C 32 0.80 5.49 -35.05
N LEU C 33 0.23 5.23 -33.86
CA LEU C 33 0.48 3.99 -33.14
C LEU C 33 -0.26 2.85 -33.83
N ALA C 34 -1.50 3.10 -34.26
CA ALA C 34 -2.26 2.16 -35.07
C ALA C 34 -1.49 1.73 -36.33
N ALA C 35 -0.69 2.63 -36.89
CA ALA C 35 -0.05 2.42 -38.20
C ALA C 35 1.31 1.74 -38.04
N GLY C 36 1.90 1.82 -36.83
CA GLY C 36 3.16 1.16 -36.53
C GLY C 36 4.31 2.16 -36.46
N LEU C 37 3.98 3.46 -36.44
CA LEU C 37 4.95 4.53 -36.60
C LEU C 37 5.45 5.00 -35.23
N ALA C 38 4.73 4.65 -34.16
CA ALA C 38 5.19 4.83 -32.80
C ALA C 38 5.20 3.49 -32.08
N VAL C 39 6.09 3.35 -31.10
CA VAL C 39 6.23 2.14 -30.30
C VAL C 39 5.79 2.45 -28.88
N GLN C 40 4.88 1.59 -28.37
CA GLN C 40 4.37 1.72 -27.01
C GLN C 40 4.75 0.47 -26.22
N PRO C 41 5.92 0.48 -25.52
CA PRO C 41 6.28 -0.64 -24.65
C PRO C 41 5.35 -0.62 -23.45
N ALA C 42 5.34 -1.73 -22.71
CA ALA C 42 4.62 -1.84 -21.46
C ALA C 42 5.34 -0.97 -20.42
N GLN C 43 4.58 -0.43 -19.47
CA GLN C 43 5.14 0.32 -18.36
C GLN C 43 5.90 -0.66 -17.47
N GLN C 44 6.75 -0.15 -16.54
CA GLN C 44 7.44 -0.97 -15.56
C GLN C 44 7.23 -0.36 -14.17
N LEU C 45 6.71 -1.20 -13.26
CA LEU C 45 6.42 -0.83 -11.89
C LEU C 45 7.47 -1.43 -10.98
N VAL C 46 8.05 -0.63 -10.10
CA VAL C 46 9.10 -1.10 -9.23
C VAL C 46 8.72 -0.72 -7.81
N ALA C 47 8.67 -1.72 -6.93
CA ALA C 47 8.36 -1.51 -5.51
C ALA C 47 9.63 -1.01 -4.81
N PHE C 48 9.44 0.01 -3.97
CA PHE C 48 10.42 0.43 -2.97
C PHE C 48 10.37 -0.53 -1.78
N PRO C 49 11.48 -0.76 -1.03
CA PRO C 49 11.43 -1.64 0.14
C PRO C 49 10.67 -0.99 1.29
N LYS C 50 10.27 -1.84 2.24
CA LYS C 50 9.76 -1.44 3.55
C LYS C 50 8.48 -0.62 3.36
N GLY C 51 7.68 -1.03 2.36
CA GLY C 51 6.39 -0.44 2.01
C GLY C 51 6.43 1.06 1.80
N ALA C 52 7.56 1.59 1.31
CA ALA C 52 7.75 3.02 1.17
C ALA C 52 7.07 3.57 -0.08
N GLY C 53 6.48 2.70 -0.91
CA GLY C 53 5.81 3.12 -2.14
C GLY C 53 6.38 2.43 -3.38
N ASP C 54 6.29 3.10 -4.53
CA ASP C 54 6.69 2.46 -5.78
C ASP C 54 6.96 3.55 -6.81
N PHE C 55 7.40 3.15 -8.00
CA PHE C 55 7.42 4.09 -9.10
C PHE C 55 7.06 3.32 -10.36
N ILE C 56 6.48 4.05 -11.32
CA ILE C 56 6.23 3.53 -12.64
C ILE C 56 7.01 4.36 -13.65
N ASN C 57 7.70 3.66 -14.56
CA ASN C 57 8.35 4.24 -15.70
C ASN C 57 7.45 3.97 -16.91
N TYR C 58 7.19 5.02 -17.66
CA TYR C 58 6.42 4.94 -18.88
C TYR C 58 7.36 5.26 -20.02
N LEU C 59 7.31 4.49 -21.11
CA LEU C 59 8.26 4.66 -22.20
C LEU C 59 7.50 5.02 -23.47
N GLY C 60 8.19 5.73 -24.38
CA GLY C 60 7.62 6.02 -25.67
C GLY C 60 8.69 6.20 -26.75
N VAL C 61 8.42 5.69 -27.95
CA VAL C 61 9.28 5.90 -29.10
C VAL C 61 8.48 6.63 -30.17
N LEU C 62 8.88 7.88 -30.46
CA LEU C 62 8.22 8.71 -31.47
C LEU C 62 9.14 8.89 -32.66
N ALA C 63 9.28 7.83 -33.45
CA ALA C 63 10.15 7.82 -34.62
C ALA C 63 9.79 8.95 -35.59
N GLU C 64 8.52 9.36 -35.63
CA GLU C 64 8.05 10.43 -36.51
C GLU C 64 8.71 11.78 -36.19
N ASP C 65 9.01 11.99 -34.89
CA ASP C 65 9.59 13.24 -34.43
C ASP C 65 11.06 13.09 -34.04
N GLY C 66 11.66 11.90 -34.25
CA GLY C 66 13.05 11.67 -33.92
C GLY C 66 13.33 11.78 -32.42
N VAL C 67 12.35 11.39 -31.59
CA VAL C 67 12.56 11.39 -30.15
C VAL C 67 11.98 10.13 -29.52
N TYR C 68 12.41 9.87 -28.30
CA TYR C 68 11.85 8.84 -27.45
C TYR C 68 12.05 9.32 -26.04
N GLY C 69 11.43 8.66 -25.06
CA GLY C 69 11.75 9.00 -23.69
C GLY C 69 11.10 8.10 -22.66
N VAL C 70 11.29 8.52 -21.41
CA VAL C 70 10.81 7.84 -20.22
C VAL C 70 10.21 8.91 -19.30
N LYS C 71 9.00 8.65 -18.82
CA LYS C 71 8.48 9.37 -17.67
C LYS C 71 8.56 8.45 -16.47
N THR C 72 9.20 8.92 -15.41
CA THR C 72 9.26 8.24 -14.14
C THR C 72 8.30 8.94 -13.18
N SER C 73 7.39 8.16 -12.59
CA SER C 73 6.39 8.69 -11.69
C SER C 73 6.48 7.90 -10.39
N PRO C 74 7.16 8.44 -9.36
CA PRO C 74 7.25 7.80 -8.06
C PRO C 74 6.01 8.12 -7.19
N TYR C 75 5.59 7.09 -6.47
CA TYR C 75 4.51 7.12 -5.51
C TYR C 75 5.12 6.92 -4.14
N ILE C 76 5.26 8.01 -3.40
CA ILE C 76 5.94 8.04 -2.13
C ILE C 76 4.90 8.09 -1.02
N VAL C 77 4.88 7.08 -0.17
CA VAL C 77 3.96 7.06 0.96
C VAL C 77 4.34 8.22 1.88
N GLY C 78 3.41 9.18 2.03
CA GLY C 78 3.50 10.27 2.98
C GLY C 78 2.56 10.07 4.17
N GLU C 79 2.52 11.08 5.05
CA GLU C 79 1.86 10.96 6.35
C GLU C 79 0.35 11.01 6.18
N GLN C 80 -0.15 11.97 5.38
CA GLN C 80 -1.58 12.16 5.18
C GLN C 80 -2.05 11.60 3.84
N GLY C 81 -1.21 10.80 3.18
CA GLY C 81 -1.52 10.28 1.86
C GLY C 81 -0.31 10.27 0.92
N PRO C 82 -0.41 9.56 -0.23
CA PRO C 82 0.75 9.41 -1.13
C PRO C 82 1.14 10.72 -1.82
N LEU C 83 2.46 10.93 -1.94
CA LEU C 83 3.03 11.97 -2.78
C LEU C 83 3.38 11.35 -4.13
N VAL C 84 2.82 11.91 -5.21
CA VAL C 84 2.96 11.34 -6.54
C VAL C 84 3.42 12.42 -7.52
N THR C 85 4.65 12.26 -8.02
CA THR C 85 5.24 13.17 -8.97
C THR C 85 5.38 12.48 -10.32
N ALA C 86 5.72 13.28 -11.32
CA ALA C 86 6.03 12.75 -12.62
C ALA C 86 7.03 13.71 -13.26
N TRP C 87 8.10 13.12 -13.85
CA TRP C 87 9.10 13.82 -14.64
C TRP C 87 9.40 13.06 -15.94
N THR C 88 9.41 13.80 -17.06
CA THR C 88 9.67 13.22 -18.37
C THR C 88 11.07 13.66 -18.83
N LEU C 89 11.87 12.66 -19.22
CA LEU C 89 13.15 12.86 -19.88
C LEU C 89 12.98 12.55 -21.37
N LEU C 90 13.18 13.58 -22.20
CA LEU C 90 13.01 13.48 -23.64
C LEU C 90 14.38 13.39 -24.29
N MET C 91 14.55 12.42 -25.20
CA MET C 91 15.87 12.06 -25.70
C MET C 91 15.83 12.17 -27.22
N SER C 92 16.97 12.52 -27.83
CA SER C 92 17.03 12.51 -29.28
C SER C 92 17.38 11.12 -29.80
N MET C 93 16.70 10.68 -30.85
CA MET C 93 17.03 9.45 -31.55
C MET C 93 18.12 9.71 -32.59
N HIS C 94 18.45 10.98 -32.83
CA HIS C 94 19.42 11.38 -33.83
C HIS C 94 20.81 11.47 -33.21
N ASN C 95 20.91 11.93 -31.95
CA ASN C 95 22.23 12.06 -31.33
C ASN C 95 22.27 11.45 -29.93
N GLY C 96 21.18 10.85 -29.44
CA GLY C 96 21.21 10.16 -28.15
C GLY C 96 21.49 11.09 -26.97
N GLN C 97 21.24 12.39 -27.16
CA GLN C 97 21.46 13.36 -26.11
C GLN C 97 20.09 13.76 -25.57
N PRO C 98 20.03 14.20 -24.29
CA PRO C 98 18.78 14.65 -23.67
C PRO C 98 18.36 16.03 -24.18
N LEU C 99 17.11 16.13 -24.67
CA LEU C 99 16.55 17.36 -25.20
C LEU C 99 15.85 18.18 -24.11
N LEU C 100 15.26 17.48 -23.12
CA LEU C 100 14.34 18.12 -22.20
C LEU C 100 14.09 17.19 -21.04
N LEU C 101 14.29 17.71 -19.81
CA LEU C 101 13.80 17.15 -18.56
C LEU C 101 12.68 18.06 -18.01
N CYS C 102 11.44 17.56 -17.98
CA CYS C 102 10.26 18.40 -17.77
C CYS C 102 9.41 17.90 -16.59
N ASP C 103 8.97 18.81 -15.71
CA ASP C 103 7.99 18.43 -14.69
C ASP C 103 6.69 18.09 -15.42
N ALA C 104 6.12 16.90 -15.16
CA ALA C 104 4.96 16.42 -15.93
C ALA C 104 3.72 16.30 -15.05
N HIS C 105 3.71 16.99 -13.90
CA HIS C 105 2.56 16.96 -12.99
C HIS C 105 1.30 17.39 -13.72
N GLU C 106 1.37 18.53 -14.42
CA GLU C 106 0.21 19.07 -15.12
C GLU C 106 0.04 18.42 -16.48
N LEU C 107 1.15 18.13 -17.17
CA LEU C 107 1.11 17.46 -18.46
C LEU C 107 0.31 16.16 -18.36
N THR C 108 0.56 15.45 -17.25
CA THR C 108 -0.10 14.19 -16.92
C THR C 108 -1.61 14.42 -16.80
N THR C 109 -2.02 15.43 -16.02
CA THR C 109 -3.44 15.69 -15.82
C THR C 109 -4.13 15.91 -17.16
N ALA C 110 -3.46 16.67 -18.03
CA ALA C 110 -4.02 17.07 -19.31
C ALA C 110 -4.11 15.87 -20.24
N ARG C 111 -3.09 14.99 -20.27
CA ARG C 111 -3.16 13.86 -21.20
C ARG C 111 -4.17 12.82 -20.71
N THR C 112 -4.37 12.71 -19.40
CA THR C 112 -5.38 11.80 -18.86
C THR C 112 -6.78 12.26 -19.28
N ALA C 113 -7.08 13.55 -19.05
CA ALA C 113 -8.38 14.12 -19.40
C ALA C 113 -8.63 14.05 -20.91
N ALA C 114 -7.61 14.40 -21.70
CA ALA C 114 -7.76 14.48 -23.14
C ALA C 114 -7.97 13.09 -23.73
N THR C 115 -7.29 12.08 -23.17
CA THR C 115 -7.37 10.72 -23.69
C THR C 115 -8.78 10.15 -23.48
N THR C 116 -9.34 10.39 -22.29
CA THR C 116 -10.71 10.05 -22.01
C THR C 116 -11.64 10.83 -22.97
N ALA C 117 -11.34 12.10 -23.23
CA ALA C 117 -12.12 12.93 -24.14
C ALA C 117 -12.14 12.30 -25.52
N LEU C 118 -10.98 11.89 -26.05
CA LEU C 118 -10.96 11.15 -27.32
C LEU C 118 -11.89 9.94 -27.28
N ALA C 119 -11.90 9.20 -26.14
CA ALA C 119 -12.71 7.99 -26.06
C ALA C 119 -14.20 8.33 -25.96
N VAL C 120 -14.54 9.41 -25.25
CA VAL C 120 -15.92 9.86 -25.17
C VAL C 120 -16.42 10.24 -26.56
N ASP C 121 -15.61 11.07 -27.26
CA ASP C 121 -15.93 11.45 -28.62
C ASP C 121 -16.18 10.18 -29.44
N ALA C 122 -15.20 9.26 -29.43
CA ALA C 122 -15.26 8.04 -30.22
C ALA C 122 -16.44 7.15 -29.86
N LEU C 123 -16.85 7.14 -28.58
CA LEU C 123 -17.72 6.08 -28.08
C LEU C 123 -19.13 6.53 -27.71
N ALA C 124 -19.30 7.77 -27.22
CA ALA C 124 -20.62 8.20 -26.77
C ALA C 124 -21.50 8.46 -27.99
N PRO C 125 -22.80 8.07 -27.98
CA PRO C 125 -23.68 8.36 -29.11
C PRO C 125 -23.76 9.88 -29.32
N LEU C 126 -24.08 10.33 -30.54
CA LEU C 126 -24.06 11.76 -30.85
C LEU C 126 -25.19 12.47 -30.09
N ALA C 127 -26.23 11.70 -29.75
CA ALA C 127 -27.42 12.22 -29.08
C ALA C 127 -27.27 12.28 -27.54
N ALA C 128 -26.07 11.99 -27.00
CA ALA C 128 -25.88 12.00 -25.56
C ALA C 128 -26.06 13.42 -25.02
N ARG C 129 -26.72 13.56 -23.87
CA ARG C 129 -26.98 14.91 -23.34
C ARG C 129 -26.73 15.02 -21.84
N ARG C 130 -26.64 13.89 -21.15
CA ARG C 130 -26.45 13.92 -19.70
C ARG C 130 -25.08 13.39 -19.31
N LEU C 131 -24.33 14.17 -18.55
CA LEU C 131 -22.97 13.79 -18.18
C LEU C 131 -22.73 13.85 -16.69
N ALA C 132 -22.15 12.79 -16.13
CA ALA C 132 -21.83 12.79 -14.72
C ALA C 132 -20.31 12.71 -14.54
N ILE C 133 -19.79 13.45 -13.57
CA ILE C 133 -18.40 13.33 -13.14
C ILE C 133 -18.34 12.92 -11.66
N ILE C 134 -17.64 11.79 -11.38
CA ILE C 134 -17.32 11.37 -10.02
C ILE C 134 -15.86 11.73 -9.73
N GLY C 135 -15.63 12.53 -8.66
CA GLY C 135 -14.37 13.19 -8.39
C GLY C 135 -14.42 14.71 -8.55
N SER C 136 -13.57 15.43 -7.79
CA SER C 136 -13.62 16.89 -7.73
C SER C 136 -12.21 17.51 -7.75
N GLY C 137 -11.22 16.69 -8.06
CA GLY C 137 -9.84 17.13 -8.06
C GLY C 137 -9.44 17.66 -9.42
N LYS C 138 -8.13 17.92 -9.57
CA LYS C 138 -7.61 18.51 -10.79
C LYS C 138 -7.97 17.68 -12.01
N VAL C 139 -7.98 16.35 -11.85
CA VAL C 139 -8.20 15.47 -12.99
C VAL C 139 -9.66 15.54 -13.43
N ALA C 140 -10.56 15.58 -12.44
CA ALA C 140 -11.98 15.71 -12.73
C ALA C 140 -12.23 17.03 -13.46
N GLN C 141 -11.61 18.11 -12.95
CA GLN C 141 -11.73 19.46 -13.48
C GLN C 141 -11.30 19.48 -14.94
N ALA C 142 -10.18 18.80 -15.27
CA ALA C 142 -9.68 18.78 -16.64
C ALA C 142 -10.60 17.97 -17.55
N HIS C 143 -11.10 16.83 -17.05
CA HIS C 143 -12.06 16.04 -17.81
C HIS C 143 -13.20 16.94 -18.27
N LEU C 144 -13.73 17.76 -17.37
CA LEU C 144 -14.84 18.65 -17.70
C LEU C 144 -14.43 19.58 -18.83
N ARG C 145 -13.27 20.24 -18.66
CA ARG C 145 -12.71 21.15 -19.65
C ARG C 145 -12.57 20.47 -21.01
N TYR C 146 -12.13 19.20 -21.07
CA TYR C 146 -11.80 18.57 -22.34
C TYR C 146 -13.03 17.91 -22.97
N VAL C 147 -14.13 17.72 -22.22
CA VAL C 147 -15.30 17.07 -22.81
C VAL C 147 -16.51 18.01 -22.85
N GLN C 148 -16.47 19.20 -22.22
CA GLN C 148 -17.66 20.06 -22.17
C GLN C 148 -18.15 20.43 -23.57
N ASN C 149 -17.28 20.45 -24.59
CA ASN C 149 -17.67 20.91 -25.92
C ASN C 149 -17.85 19.76 -26.90
N LEU C 150 -18.01 18.53 -26.38
CA LEU C 150 -17.95 17.33 -27.22
C LEU C 150 -19.34 16.93 -27.70
N ARG C 151 -20.34 17.12 -26.83
CA ARG C 151 -21.73 16.85 -27.14
C ARG C 151 -22.56 18.05 -26.71
N ASP C 152 -23.87 18.01 -26.99
CA ASP C 152 -24.79 19.06 -26.58
C ASP C 152 -25.36 18.75 -25.21
N TRP C 153 -24.53 18.96 -24.17
CA TRP C 153 -24.88 18.56 -22.83
C TRP C 153 -26.02 19.45 -22.34
N GLN C 154 -27.16 18.82 -22.03
CA GLN C 154 -28.25 19.48 -21.37
C GLN C 154 -28.02 19.52 -19.86
N HIS C 155 -27.18 18.62 -19.33
CA HIS C 155 -27.00 18.52 -17.90
C HIS C 155 -25.64 17.89 -17.59
N ILE C 156 -24.98 18.46 -16.58
CA ILE C 156 -23.68 18.01 -16.13
C ILE C 156 -23.68 18.04 -14.62
N SER C 157 -23.41 16.88 -14.03
CA SER C 157 -23.47 16.68 -12.60
C SER C 157 -22.07 16.29 -12.10
N LEU C 158 -21.72 16.69 -10.90
CA LEU C 158 -20.46 16.25 -10.32
C LEU C 158 -20.70 15.91 -8.85
N PHE C 159 -20.18 14.74 -8.43
CA PHE C 159 -20.21 14.34 -7.04
C PHE C 159 -18.80 13.99 -6.56
N SER C 160 -18.50 14.45 -5.34
CA SER C 160 -17.43 13.90 -4.54
C SER C 160 -17.80 13.92 -3.05
N PRO C 161 -17.43 12.90 -2.24
CA PRO C 161 -17.67 12.93 -0.80
C PRO C 161 -17.05 14.15 -0.08
N SER C 162 -15.90 14.63 -0.58
CA SER C 162 -15.21 15.76 0.04
C SER C 162 -16.07 17.02 -0.01
N LEU C 163 -16.84 17.21 -1.10
CA LEU C 163 -17.58 18.44 -1.33
C LEU C 163 -18.76 18.68 -0.39
N ALA C 164 -19.22 17.67 0.39
CA ALA C 164 -20.40 17.84 1.25
C ALA C 164 -20.17 18.90 2.33
N SER C 165 -18.90 19.14 2.66
CA SER C 165 -18.49 20.23 3.53
C SER C 165 -17.32 20.98 2.90
N ALA C 166 -17.55 21.54 1.71
CA ALA C 166 -16.55 22.35 1.03
C ALA C 166 -16.89 23.83 1.18
N SER C 167 -15.85 24.68 1.12
CA SER C 167 -16.02 26.11 1.09
C SER C 167 -16.78 26.53 -0.17
N PRO C 168 -17.60 27.61 -0.12
CA PRO C 168 -18.07 28.30 -1.33
C PRO C 168 -17.04 28.65 -2.41
N ALA C 169 -15.77 28.86 -2.02
CA ALA C 169 -14.69 29.11 -2.96
C ALA C 169 -14.42 27.86 -3.80
N THR C 170 -14.22 26.74 -3.08
CA THR C 170 -14.05 25.42 -3.69
C THR C 170 -15.16 25.21 -4.71
N LEU C 171 -16.40 25.51 -4.30
CA LEU C 171 -17.61 25.13 -5.03
C LEU C 171 -17.79 25.95 -6.30
N ALA C 172 -17.54 27.27 -6.23
CA ALA C 172 -17.77 28.17 -7.35
C ALA C 172 -16.66 28.02 -8.40
N GLN C 173 -15.45 27.62 -7.94
CA GLN C 173 -14.37 27.19 -8.82
C GLN C 173 -14.92 26.18 -9.82
N LEU C 174 -15.64 25.18 -9.28
CA LEU C 174 -16.18 24.10 -10.09
C LEU C 174 -17.37 24.62 -10.91
N THR C 175 -18.32 25.25 -10.22
CA THR C 175 -19.57 25.70 -10.83
C THR C 175 -19.30 26.62 -12.03
N GLY C 176 -18.18 27.36 -12.02
CA GLY C 176 -17.83 28.28 -13.08
C GLY C 176 -16.95 27.70 -14.19
N LEU C 177 -16.63 26.40 -14.14
CA LEU C 177 -15.93 25.73 -15.23
C LEU C 177 -16.87 25.57 -16.42
N ASP C 178 -18.17 25.63 -16.11
CA ASP C 178 -19.23 25.34 -17.04
C ASP C 178 -20.53 25.75 -16.37
N PRO C 179 -21.35 26.64 -16.99
CA PRO C 179 -22.58 27.11 -16.38
C PRO C 179 -23.61 26.01 -16.14
N ARG C 180 -23.49 24.89 -16.87
CA ARG C 180 -24.42 23.77 -16.78
C ARG C 180 -24.05 22.83 -15.62
N LEU C 181 -22.99 23.14 -14.87
CA LEU C 181 -22.52 22.23 -13.85
C LEU C 181 -23.36 22.34 -12.59
N SER C 182 -23.91 21.21 -12.09
CA SER C 182 -24.50 21.19 -10.77
C SER C 182 -23.79 20.15 -9.89
N ILE C 183 -23.65 20.52 -8.61
CA ILE C 183 -23.00 19.69 -7.62
C ILE C 183 -24.08 18.83 -6.99
N ALA C 184 -23.89 17.50 -7.05
CA ALA C 184 -24.85 16.57 -6.49
C ALA C 184 -24.41 16.19 -5.07
N ASP C 185 -25.39 15.84 -4.23
CA ASP C 185 -25.16 15.51 -2.83
C ASP C 185 -24.92 14.00 -2.66
N SER C 186 -25.11 13.20 -3.71
CA SER C 186 -24.70 11.81 -3.65
C SER C 186 -24.25 11.33 -5.03
N CYS C 187 -23.69 10.12 -5.04
CA CYS C 187 -23.29 9.46 -6.28
C CYS C 187 -24.52 9.07 -7.10
N ALA C 188 -25.55 8.51 -6.43
CA ALA C 188 -26.79 8.12 -7.10
C ALA C 188 -27.40 9.31 -7.84
N ALA C 189 -27.45 10.49 -7.18
CA ALA C 189 -28.10 11.65 -7.78
C ALA C 189 -27.32 12.14 -9.01
N ALA C 190 -25.96 12.14 -8.95
CA ALA C 190 -25.13 12.51 -10.11
C ALA C 190 -25.35 11.61 -11.33
N VAL C 191 -25.53 10.29 -11.13
CA VAL C 191 -25.52 9.34 -12.24
C VAL C 191 -26.92 9.00 -12.72
N ALA C 192 -27.95 9.38 -11.95
CA ALA C 192 -29.32 9.23 -12.39
C ALA C 192 -29.43 9.73 -13.83
N ASP C 193 -29.75 8.81 -14.73
CA ASP C 193 -30.05 9.12 -16.11
C ASP C 193 -28.84 9.60 -16.90
N ALA C 194 -27.62 9.28 -16.43
CA ALA C 194 -26.45 9.76 -17.15
C ALA C 194 -26.28 8.95 -18.43
N ASP C 195 -25.86 9.63 -19.50
CA ASP C 195 -25.41 8.97 -20.73
C ASP C 195 -23.92 8.61 -20.64
N VAL C 196 -23.14 9.49 -20.00
CA VAL C 196 -21.70 9.34 -19.87
C VAL C 196 -21.37 9.67 -18.43
N ILE C 197 -20.64 8.76 -17.79
CA ILE C 197 -20.17 8.86 -16.42
C ILE C 197 -18.66 8.72 -16.42
N MET C 198 -17.98 9.79 -16.04
CA MET C 198 -16.54 9.80 -16.05
C MET C 198 -16.05 9.69 -14.61
N LEU C 199 -15.44 8.55 -14.30
CA LEU C 199 -14.86 8.29 -13.00
C LEU C 199 -13.45 8.87 -13.02
N CYS C 200 -13.26 9.92 -12.21
CA CYS C 200 -12.09 10.77 -12.27
C CYS C 200 -11.47 10.86 -10.88
N THR C 201 -11.36 9.73 -10.19
CA THR C 201 -10.89 9.72 -8.82
C THR C 201 -9.48 9.13 -8.78
N SER C 202 -8.91 9.10 -7.58
CA SER C 202 -7.71 8.30 -7.32
C SER C 202 -8.01 7.27 -6.24
N SER C 203 -9.26 6.80 -6.22
CA SER C 203 -9.68 5.67 -5.40
C SER C 203 -8.94 4.39 -5.79
N ALA C 204 -8.54 3.63 -4.76
CA ALA C 204 -7.99 2.27 -4.90
C ALA C 204 -9.10 1.30 -5.27
N GLY C 205 -10.32 1.61 -4.79
CA GLY C 205 -11.44 0.71 -4.89
C GLY C 205 -12.65 1.35 -5.55
N PRO C 206 -13.67 0.53 -5.84
CA PRO C 206 -14.84 0.96 -6.62
C PRO C 206 -15.53 2.20 -6.05
N VAL C 207 -15.90 3.12 -6.94
CA VAL C 207 -16.68 4.29 -6.59
C VAL C 207 -18.02 4.25 -7.30
N LEU C 208 -18.21 3.28 -8.21
CA LEU C 208 -19.46 3.16 -8.93
C LEU C 208 -19.73 1.69 -9.16
N ASP C 209 -20.99 1.28 -8.90
CA ASP C 209 -21.46 -0.03 -9.34
C ASP C 209 -22.34 0.10 -10.58
N PRO C 210 -21.86 -0.33 -11.77
CA PRO C 210 -22.68 -0.29 -12.98
C PRO C 210 -24.05 -0.96 -12.90
N ALA C 211 -24.21 -1.91 -11.97
CA ALA C 211 -25.46 -2.63 -11.79
C ALA C 211 -26.54 -1.74 -11.20
N HIS C 212 -26.15 -0.63 -10.55
CA HIS C 212 -27.07 0.31 -9.92
C HIS C 212 -27.52 1.40 -10.88
N LEU C 213 -27.24 1.28 -12.19
CA LEU C 213 -27.60 2.31 -13.17
C LEU C 213 -29.01 2.02 -13.71
N SER C 214 -29.70 3.07 -14.17
CA SER C 214 -31.07 2.98 -14.71
C SER C 214 -31.02 2.59 -16.18
N LYS C 215 -29.92 2.91 -16.86
CA LYS C 215 -29.78 2.64 -18.29
C LYS C 215 -28.31 2.48 -18.66
N PRO C 216 -28.01 1.77 -19.77
CA PRO C 216 -26.67 1.76 -20.35
C PRO C 216 -26.06 3.16 -20.51
N ALA C 217 -24.76 3.24 -20.19
CA ALA C 217 -24.00 4.49 -20.22
C ALA C 217 -22.58 4.17 -20.65
N LEU C 218 -21.88 5.16 -21.19
CA LEU C 218 -20.44 5.07 -21.30
C LEU C 218 -19.85 5.37 -19.92
N ILE C 219 -19.11 4.41 -19.37
CA ILE C 219 -18.39 4.65 -18.12
C ILE C 219 -16.90 4.68 -18.44
N THR C 220 -16.21 5.72 -17.98
CA THR C 220 -14.79 5.86 -18.21
C THR C 220 -14.09 5.90 -16.86
N SER C 221 -12.85 5.39 -16.81
CA SER C 221 -12.10 5.26 -15.58
C SER C 221 -10.63 5.61 -15.83
N ILE C 222 -9.98 6.22 -14.82
CA ILE C 222 -8.58 6.65 -14.92
C ILE C 222 -7.70 6.37 -13.70
N SER C 223 -8.24 5.85 -12.57
CA SER C 223 -7.45 5.74 -11.34
C SER C 223 -6.22 4.85 -11.54
N THR C 224 -5.02 5.35 -11.16
CA THR C 224 -3.78 4.56 -11.23
C THR C 224 -2.83 4.72 -10.02
N ASN C 225 -3.15 5.55 -9.02
CA ASN C 225 -2.22 5.87 -7.94
C ASN C 225 -2.44 4.93 -6.76
N ALA C 226 -2.49 3.65 -7.03
CA ALA C 226 -2.63 2.66 -5.98
C ALA C 226 -2.35 1.35 -6.69
N PRO C 227 -1.74 0.36 -6.01
CA PRO C 227 -1.56 -0.95 -6.64
C PRO C 227 -2.96 -1.44 -7.00
N ARG C 228 -3.17 -1.67 -8.30
CA ARG C 228 -4.35 -2.30 -8.87
C ARG C 228 -5.57 -1.46 -8.55
N ALA C 229 -5.36 -0.15 -8.58
CA ALA C 229 -6.43 0.82 -8.42
C ALA C 229 -7.51 0.54 -9.46
N HIS C 230 -8.77 0.59 -8.99
CA HIS C 230 -9.90 0.37 -9.88
C HIS C 230 -11.13 1.08 -9.32
N GLU C 231 -12.02 1.53 -10.22
CA GLU C 231 -13.12 2.40 -9.88
C GLU C 231 -14.48 1.73 -10.08
N VAL C 232 -14.49 0.53 -10.64
CA VAL C 232 -15.70 -0.28 -10.72
C VAL C 232 -15.40 -1.66 -10.13
N PRO C 233 -16.45 -2.41 -9.73
CA PRO C 233 -16.29 -3.80 -9.33
C PRO C 233 -15.76 -4.62 -10.50
N PRO C 234 -14.62 -5.32 -10.32
CA PRO C 234 -14.03 -6.13 -11.40
C PRO C 234 -14.96 -7.08 -12.14
N HIS C 235 -15.88 -7.71 -11.39
CA HIS C 235 -16.84 -8.65 -11.97
C HIS C 235 -17.75 -7.97 -13.00
N SER C 236 -17.97 -6.65 -12.84
CA SER C 236 -18.86 -5.90 -13.70
C SER C 236 -18.36 -5.81 -15.15
N LEU C 237 -17.07 -6.06 -15.40
CA LEU C 237 -16.54 -6.10 -16.76
C LEU C 237 -17.26 -7.17 -17.59
N ASN C 238 -17.74 -8.23 -16.93
CA ASN C 238 -18.40 -9.33 -17.63
C ASN C 238 -19.77 -8.88 -18.15
N ALA C 239 -20.32 -7.77 -17.61
CA ALA C 239 -21.60 -7.22 -18.03
C ALA C 239 -21.42 -5.94 -18.81
N MET C 240 -20.17 -5.60 -19.18
CA MET C 240 -19.92 -4.38 -19.92
C MET C 240 -19.21 -4.71 -21.23
N GLN C 241 -19.33 -3.79 -22.19
CA GLN C 241 -18.55 -3.79 -23.41
C GLN C 241 -17.28 -2.98 -23.16
N VAL C 242 -16.13 -3.66 -23.21
CA VAL C 242 -14.91 -3.10 -22.65
C VAL C 242 -13.98 -2.59 -23.74
N PHE C 243 -13.56 -1.35 -23.54
CA PHE C 243 -12.65 -0.66 -24.43
C PHE C 243 -11.53 -0.11 -23.53
N CYS C 244 -10.38 0.18 -24.14
CA CYS C 244 -9.27 0.70 -23.37
C CYS C 244 -8.30 1.47 -24.26
N ASP C 245 -7.25 2.00 -23.65
CA ASP C 245 -6.41 2.99 -24.30
C ASP C 245 -5.49 2.28 -25.29
N TYR C 246 -4.81 1.19 -24.86
CA TYR C 246 -4.01 0.35 -25.74
C TYR C 246 -4.18 -1.12 -25.36
N ARG C 247 -4.69 -1.93 -26.28
CA ARG C 247 -5.03 -3.31 -25.96
C ARG C 247 -3.77 -4.10 -25.60
N GLN C 248 -2.61 -3.79 -26.20
CA GLN C 248 -1.44 -4.67 -26.08
C GLN C 248 -0.84 -4.62 -24.68
N THR C 249 -1.11 -3.55 -23.92
CA THR C 249 -0.42 -3.40 -22.64
C THR C 249 -1.40 -3.23 -21.49
N THR C 250 -2.47 -2.47 -21.69
CA THR C 250 -3.26 -2.00 -20.56
C THR C 250 -3.91 -3.18 -19.84
N PRO C 251 -4.48 -4.20 -20.52
CA PRO C 251 -5.10 -5.34 -19.83
C PRO C 251 -4.20 -6.08 -18.85
N ASP C 252 -2.87 -5.94 -18.98
CA ASP C 252 -1.91 -6.61 -18.12
C ASP C 252 -1.57 -5.75 -16.91
N ALA C 253 -2.08 -4.51 -16.81
CA ALA C 253 -1.74 -3.66 -15.67
C ALA C 253 -2.96 -2.99 -15.02
N ALA C 254 -4.10 -2.88 -15.71
CA ALA C 254 -5.27 -2.29 -15.10
C ALA C 254 -5.86 -3.23 -14.05
N GLY C 255 -6.06 -2.71 -12.84
CA GLY C 255 -6.44 -3.52 -11.69
C GLY C 255 -7.75 -4.26 -11.86
N GLU C 256 -8.81 -3.59 -12.33
CA GLU C 256 -10.10 -4.24 -12.50
C GLU C 256 -10.02 -5.32 -13.58
N MET C 257 -9.16 -5.16 -14.61
CA MET C 257 -9.02 -6.18 -15.63
C MET C 257 -8.24 -7.39 -15.12
N LEU C 258 -7.17 -7.16 -14.36
CA LEU C 258 -6.42 -8.25 -13.74
C LEU C 258 -7.32 -9.00 -12.75
N ILE C 259 -8.05 -8.28 -11.90
CA ILE C 259 -8.85 -8.94 -10.88
C ILE C 259 -10.00 -9.73 -11.52
N ALA C 260 -10.61 -9.20 -12.58
CA ALA C 260 -11.72 -9.87 -13.23
C ALA C 260 -11.25 -11.15 -13.93
N SER C 261 -10.05 -11.10 -14.50
CA SER C 261 -9.43 -12.25 -15.14
C SER C 261 -9.01 -13.29 -14.09
N GLU C 262 -8.60 -12.83 -12.92
CA GLU C 262 -8.10 -13.71 -11.87
C GLU C 262 -9.21 -14.32 -11.03
N GLN C 263 -10.36 -13.62 -10.86
CA GLN C 263 -11.38 -14.02 -9.90
C GLN C 263 -12.74 -14.28 -10.56
N HIS C 264 -12.99 -13.78 -11.79
CA HIS C 264 -14.36 -13.80 -12.32
C HIS C 264 -14.41 -14.30 -13.75
N GLY C 265 -13.34 -14.99 -14.19
CA GLY C 265 -13.33 -15.64 -15.50
C GLY C 265 -13.37 -14.67 -16.68
N TRP C 266 -13.15 -13.37 -16.46
CA TRP C 266 -13.08 -12.42 -17.57
C TRP C 266 -11.78 -12.64 -18.35
N ASP C 267 -11.89 -12.46 -19.66
CA ASP C 267 -10.82 -12.74 -20.60
C ASP C 267 -10.55 -11.47 -21.40
N LYS C 268 -9.27 -11.07 -21.48
CA LYS C 268 -8.86 -9.81 -22.09
C LYS C 268 -9.15 -9.75 -23.60
N ARG C 269 -9.55 -10.86 -24.22
CA ARG C 269 -9.93 -10.88 -25.63
C ARG C 269 -11.34 -10.30 -25.80
N ALA C 270 -12.06 -10.18 -24.68
CA ALA C 270 -13.33 -9.46 -24.60
C ALA C 270 -13.18 -7.96 -24.87
N VAL C 271 -11.95 -7.45 -24.77
CA VAL C 271 -11.70 -6.06 -25.14
C VAL C 271 -12.09 -5.89 -26.62
N MET C 272 -13.07 -5.02 -26.84
CA MET C 272 -13.70 -4.82 -28.14
C MET C 272 -12.98 -3.76 -28.97
N GLY C 273 -12.09 -2.96 -28.35
CA GLY C 273 -11.35 -1.96 -29.08
C GLY C 273 -10.45 -1.13 -28.16
N ASP C 274 -9.41 -0.55 -28.75
CA ASP C 274 -8.55 0.38 -28.05
C ASP C 274 -8.53 1.65 -28.89
N LEU C 275 -7.88 2.72 -28.42
CA LEU C 275 -7.95 4.02 -29.10
C LEU C 275 -7.31 3.97 -30.48
N PRO C 276 -6.14 3.30 -30.69
CA PRO C 276 -5.61 3.10 -32.04
C PRO C 276 -6.64 2.52 -33.01
N GLU C 277 -7.30 1.44 -32.59
CA GLU C 277 -8.34 0.77 -33.38
C GLU C 277 -9.54 1.68 -33.58
N LEU C 278 -9.95 2.43 -32.55
CA LEU C 278 -11.14 3.28 -32.66
C LEU C 278 -10.89 4.41 -33.66
N LEU C 279 -9.67 4.95 -33.68
CA LEU C 279 -9.33 6.09 -34.52
C LEU C 279 -8.82 5.64 -35.90
N SER C 280 -8.80 4.32 -36.17
CA SER C 280 -8.39 3.80 -37.47
C SER C 280 -9.39 2.76 -37.98
N ASP C 281 -10.68 2.97 -37.66
CA ASP C 281 -11.80 2.11 -38.02
C ASP C 281 -11.46 0.61 -37.94
N MET C 282 -10.74 0.15 -36.91
CA MET C 282 -10.41 -1.26 -36.76
C MET C 282 -11.23 -1.90 -35.63
N ALA C 283 -12.09 -1.13 -34.96
CA ALA C 283 -12.80 -1.60 -33.77
C ALA C 283 -14.15 -2.24 -34.14
N ASP C 287 -23.15 -0.91 -29.58
CA ASP C 287 -24.62 -0.85 -29.36
C ASP C 287 -24.89 -0.64 -27.88
N TYR C 288 -26.00 0.02 -27.53
CA TYR C 288 -26.25 0.35 -26.14
C TYR C 288 -27.38 -0.49 -25.56
N GLN C 289 -27.34 -1.81 -25.82
CA GLN C 289 -28.13 -2.75 -25.05
C GLN C 289 -27.37 -3.12 -23.78
N ARG C 290 -26.04 -2.90 -23.80
CA ARG C 290 -25.21 -3.08 -22.62
C ARG C 290 -24.42 -1.80 -22.34
N PRO C 291 -23.97 -1.56 -21.08
CA PRO C 291 -23.06 -0.47 -20.78
C PRO C 291 -21.70 -0.61 -21.49
N VAL C 292 -21.04 0.53 -21.68
CA VAL C 292 -19.75 0.57 -22.33
C VAL C 292 -18.77 1.11 -21.31
N PHE C 293 -17.69 0.35 -21.09
CA PHE C 293 -16.63 0.75 -20.18
C PHE C 293 -15.37 1.10 -20.96
N PHE C 294 -14.80 2.27 -20.70
CA PHE C 294 -13.53 2.61 -21.31
C PHE C 294 -12.50 2.81 -20.20
N ARG C 295 -11.37 2.11 -20.31
CA ARG C 295 -10.34 2.22 -19.28
C ARG C 295 -9.04 2.79 -19.81
N SER C 296 -8.46 3.71 -19.07
CA SER C 296 -7.17 4.27 -19.45
C SER C 296 -6.28 4.28 -18.23
N ILE C 297 -5.02 3.90 -18.39
CA ILE C 297 -4.09 3.94 -17.27
C ILE C 297 -2.89 4.83 -17.57
N GLY C 298 -2.90 5.51 -18.71
CA GLY C 298 -1.79 6.35 -19.12
C GLY C 298 -0.75 5.55 -19.91
N LEU C 299 -0.31 6.13 -21.04
CA LEU C 299 0.67 5.53 -21.93
C LEU C 299 1.85 6.48 -22.10
N GLY C 300 3.05 5.90 -22.07
CA GLY C 300 4.28 6.66 -22.17
C GLY C 300 4.35 7.49 -23.45
N LEU C 301 3.77 7.01 -24.55
CA LEU C 301 3.73 7.75 -25.80
C LEU C 301 3.01 9.08 -25.61
N GLU C 302 1.94 9.10 -24.81
CA GLU C 302 1.23 10.33 -24.53
C GLU C 302 2.17 11.30 -23.82
N ASP C 303 2.92 10.79 -22.84
CA ASP C 303 3.82 11.61 -22.06
C ASP C 303 4.97 12.15 -22.91
N ILE C 304 5.50 11.30 -23.80
CA ILE C 304 6.62 11.72 -24.64
C ILE C 304 6.12 12.76 -25.65
N ALA C 305 4.88 12.59 -26.14
CA ALA C 305 4.32 13.49 -27.13
C ALA C 305 4.21 14.90 -26.57
N LEU C 306 3.73 15.01 -25.33
CA LEU C 306 3.50 16.31 -24.72
C LEU C 306 4.83 16.94 -24.36
N ALA C 307 5.80 16.11 -23.93
CA ALA C 307 7.11 16.64 -23.57
C ALA C 307 7.80 17.20 -24.82
N ASN C 308 7.66 16.47 -25.93
CA ASN C 308 8.18 16.88 -27.22
C ASN C 308 7.52 18.18 -27.70
N ALA C 309 6.20 18.30 -27.49
CA ALA C 309 5.45 19.45 -27.97
C ALA C 309 6.00 20.70 -27.29
N LEU C 310 6.33 20.57 -26.02
CA LEU C 310 6.90 21.66 -25.29
C LEU C 310 8.28 22.01 -25.82
N TYR C 311 9.06 21.00 -26.14
CA TYR C 311 10.41 21.21 -26.64
C TYR C 311 10.33 21.89 -27.98
N GLN C 312 9.43 21.43 -28.82
CA GLN C 312 9.27 22.02 -30.13
C GLN C 312 8.74 23.46 -30.06
N LEU C 313 7.94 23.76 -29.04
CA LEU C 313 7.45 25.12 -28.86
C LEU C 313 8.62 26.07 -28.85
N GLN C 314 9.68 25.69 -28.16
CA GLN C 314 10.87 26.55 -28.07
C GLN C 314 11.53 26.74 -29.43
N ARG C 315 11.11 25.96 -30.41
CA ARG C 315 11.72 26.05 -31.73
C ARG C 315 10.68 26.11 -32.85
N THR D 4 18.73 22.37 -7.74
CA THR D 4 18.41 21.03 -8.30
C THR D 4 17.25 21.15 -9.29
N PRO D 5 17.23 20.35 -10.37
CA PRO D 5 18.24 19.33 -10.64
C PRO D 5 19.49 19.82 -11.39
N HIS D 6 20.66 19.40 -10.92
CA HIS D 6 21.93 19.66 -11.60
C HIS D 6 22.01 18.83 -12.88
N VAL D 7 22.49 19.45 -13.97
CA VAL D 7 22.86 18.72 -15.18
C VAL D 7 24.39 18.68 -15.32
N ILE D 8 24.99 17.47 -15.18
CA ILE D 8 26.43 17.27 -15.39
C ILE D 8 26.68 16.80 -16.82
N GLN D 9 27.48 17.56 -17.57
CA GLN D 9 27.85 17.21 -18.94
C GLN D 9 29.14 16.40 -18.90
N GLN D 10 29.53 15.86 -20.07
CA GLN D 10 30.62 14.90 -20.18
C GLN D 10 31.89 15.34 -19.43
N ALA D 11 32.40 16.54 -19.74
CA ALA D 11 33.69 16.97 -19.22
C ALA D 11 33.69 16.99 -17.70
N GLN D 12 32.62 17.52 -17.11
CA GLN D 12 32.53 17.61 -15.66
C GLN D 12 32.29 16.23 -15.04
N ALA D 13 31.62 15.32 -15.78
CA ALA D 13 31.34 13.97 -15.27
C ALA D 13 32.66 13.22 -15.10
N ARG D 14 33.55 13.35 -16.08
CA ARG D 14 34.90 12.80 -16.02
C ARG D 14 35.70 13.30 -14.81
N GLU D 15 35.71 14.62 -14.57
CA GLU D 15 36.49 15.18 -13.46
C GLU D 15 36.01 14.60 -12.13
N LEU D 16 34.67 14.52 -11.95
CA LEU D 16 34.11 14.01 -10.70
C LEU D 16 34.30 12.50 -10.60
N LEU D 17 34.28 11.79 -11.74
CA LEU D 17 34.57 10.36 -11.75
C LEU D 17 35.97 10.10 -11.20
N ALA D 18 36.97 10.85 -11.68
CA ALA D 18 38.34 10.71 -11.20
C ALA D 18 38.45 10.90 -9.67
N GLN D 19 37.43 11.48 -9.03
CA GLN D 19 37.50 11.76 -7.60
C GLN D 19 36.80 10.72 -6.72
N ILE D 20 36.19 9.67 -7.30
CA ILE D 20 35.42 8.70 -6.53
C ILE D 20 36.11 7.33 -6.62
N ASP D 21 36.00 6.54 -5.56
CA ASP D 21 36.47 5.17 -5.52
C ASP D 21 35.35 4.26 -6.03
N VAL D 22 35.48 3.79 -7.28
CA VAL D 22 34.41 3.04 -7.91
C VAL D 22 34.40 1.60 -7.37
N PRO D 23 35.53 0.86 -7.32
CA PRO D 23 35.57 -0.46 -6.68
C PRO D 23 34.97 -0.53 -5.27
N GLN D 24 35.21 0.51 -4.46
CA GLN D 24 34.69 0.58 -3.11
C GLN D 24 33.18 0.78 -3.12
N ILE D 25 32.68 1.72 -3.94
CA ILE D 25 31.27 2.04 -4.04
C ILE D 25 30.48 0.80 -4.48
N LEU D 26 31.03 0.08 -5.46
CA LEU D 26 30.39 -1.09 -6.03
C LEU D 26 30.47 -2.26 -5.05
N HIS D 27 31.55 -2.35 -4.29
CA HIS D 27 31.72 -3.41 -3.31
C HIS D 27 30.58 -3.35 -2.28
N LYS D 28 30.38 -2.17 -1.70
CA LYS D 28 29.32 -1.91 -0.72
C LYS D 28 27.94 -2.16 -1.35
N LEU D 29 27.75 -1.63 -2.56
CA LEU D 29 26.53 -1.80 -3.33
C LEU D 29 26.12 -3.28 -3.39
N PHE D 30 27.09 -4.14 -3.71
CA PHE D 30 26.79 -5.55 -3.95
C PHE D 30 26.42 -6.26 -2.64
N ARG D 31 27.01 -5.80 -1.52
CA ARG D 31 26.67 -6.30 -0.19
C ARG D 31 25.29 -5.81 0.26
N ASP D 32 24.95 -4.57 -0.10
CA ASP D 32 23.66 -3.99 0.23
C ASP D 32 22.56 -4.67 -0.57
N LEU D 33 22.88 -5.03 -1.83
CA LEU D 33 21.93 -5.76 -2.65
C LEU D 33 21.69 -7.16 -2.08
N ALA D 34 22.76 -7.79 -1.55
CA ALA D 34 22.68 -9.10 -0.90
C ALA D 34 21.76 -9.06 0.33
N ALA D 35 21.88 -7.96 1.08
CA ALA D 35 21.16 -7.81 2.33
C ALA D 35 19.73 -7.33 2.06
N GLY D 36 19.41 -6.96 0.81
CA GLY D 36 18.07 -6.54 0.45
C GLY D 36 17.86 -5.05 0.70
N LEU D 37 18.95 -4.29 0.80
CA LEU D 37 18.86 -2.86 1.07
C LEU D 37 18.82 -2.06 -0.23
N ALA D 38 19.03 -2.78 -1.34
CA ALA D 38 18.95 -2.19 -2.66
C ALA D 38 18.18 -3.13 -3.56
N VAL D 39 17.50 -2.55 -4.55
CA VAL D 39 16.61 -3.26 -5.45
C VAL D 39 17.16 -3.12 -6.86
N GLN D 40 17.33 -4.27 -7.51
CA GLN D 40 17.76 -4.35 -8.87
C GLN D 40 16.62 -4.94 -9.70
N PRO D 41 15.82 -4.09 -10.41
CA PRO D 41 14.86 -4.57 -11.39
C PRO D 41 15.56 -5.01 -12.67
N ALA D 42 14.86 -5.80 -13.48
CA ALA D 42 15.33 -6.14 -14.82
C ALA D 42 15.51 -4.83 -15.60
N GLN D 43 16.33 -4.92 -16.67
CA GLN D 43 16.44 -3.89 -17.67
C GLN D 43 15.24 -3.98 -18.62
N GLN D 44 14.97 -2.92 -19.36
CA GLN D 44 14.00 -3.00 -20.44
C GLN D 44 14.68 -2.55 -21.72
N LEU D 45 14.69 -3.45 -22.72
CA LEU D 45 15.20 -3.17 -24.05
C LEU D 45 14.04 -2.83 -24.98
N VAL D 46 14.14 -1.70 -25.66
CA VAL D 46 13.12 -1.25 -26.60
C VAL D 46 13.79 -0.99 -27.95
N ALA D 47 13.32 -1.70 -28.98
CA ALA D 47 13.75 -1.53 -30.36
C ALA D 47 13.11 -0.28 -30.98
N PHE D 48 13.93 0.49 -31.73
CA PHE D 48 13.41 1.53 -32.60
C PHE D 48 12.88 0.88 -33.87
N PRO D 49 11.84 1.45 -34.53
CA PRO D 49 11.43 0.94 -35.84
C PRO D 49 12.44 1.37 -36.91
N LYS D 50 12.26 0.80 -38.11
CA LYS D 50 12.98 1.15 -39.33
C LYS D 50 14.46 0.84 -39.19
N GLY D 51 14.80 -0.12 -38.33
CA GLY D 51 16.17 -0.54 -38.06
C GLY D 51 17.05 0.60 -37.54
N ALA D 52 16.45 1.58 -36.84
CA ALA D 52 17.19 2.75 -36.36
C ALA D 52 18.06 2.40 -35.16
N GLY D 53 17.83 1.22 -34.55
CA GLY D 53 18.58 0.80 -33.37
C GLY D 53 17.65 0.48 -32.19
N ASP D 54 18.15 0.69 -30.97
CA ASP D 54 17.38 0.32 -29.79
C ASP D 54 17.85 1.18 -28.61
N PHE D 55 17.19 1.02 -27.45
CA PHE D 55 17.69 1.56 -26.21
C PHE D 55 17.42 0.60 -25.06
N ILE D 56 18.21 0.77 -24.00
CA ILE D 56 18.02 -0.02 -22.80
C ILE D 56 17.92 0.95 -21.63
N ASN D 57 16.89 0.75 -20.83
CA ASN D 57 16.74 1.47 -19.58
C ASN D 57 17.20 0.54 -18.48
N TYR D 58 18.03 1.09 -17.60
CA TYR D 58 18.53 0.39 -16.43
C TYR D 58 18.03 1.14 -15.20
N LEU D 59 17.61 0.40 -14.15
CA LEU D 59 17.03 1.00 -12.96
C LEU D 59 17.80 0.55 -11.75
N GLY D 60 17.68 1.36 -10.68
CA GLY D 60 18.14 0.95 -9.38
C GLY D 60 17.38 1.68 -8.28
N VAL D 61 17.14 0.98 -7.15
CA VAL D 61 16.64 1.62 -5.95
C VAL D 61 17.70 1.50 -4.84
N LEU D 62 18.33 2.63 -4.51
CA LEU D 62 19.21 2.74 -3.35
C LEU D 62 18.44 3.37 -2.20
N ALA D 63 17.54 2.57 -1.59
CA ALA D 63 16.71 3.02 -0.49
C ALA D 63 17.58 3.56 0.65
N GLU D 64 18.82 3.06 0.72
CA GLU D 64 19.78 3.42 1.75
C GLU D 64 20.09 4.92 1.72
N ASP D 65 20.07 5.53 0.53
CA ASP D 65 20.48 6.91 0.36
C ASP D 65 19.30 7.77 -0.11
N GLY D 66 18.07 7.25 -0.06
CA GLY D 66 16.86 7.95 -0.47
C GLY D 66 16.83 8.34 -1.95
N VAL D 67 17.43 7.50 -2.83
CA VAL D 67 17.47 7.79 -4.25
C VAL D 67 17.12 6.56 -5.08
N TYR D 68 16.50 6.83 -6.23
CA TYR D 68 16.35 5.84 -7.27
C TYR D 68 16.71 6.52 -8.58
N GLY D 69 16.84 5.74 -9.65
CA GLY D 69 17.08 6.36 -10.93
C GLY D 69 16.98 5.39 -12.09
N VAL D 70 17.08 6.02 -13.28
CA VAL D 70 17.04 5.34 -14.56
C VAL D 70 18.16 5.90 -15.42
N LYS D 71 18.93 4.98 -16.01
CA LYS D 71 19.85 5.31 -17.08
C LYS D 71 19.25 4.82 -18.39
N THR D 72 19.14 5.75 -19.36
CA THR D 72 18.75 5.39 -20.71
C THR D 72 20.03 5.37 -21.55
N SER D 73 20.20 4.32 -22.33
CA SER D 73 21.35 4.16 -23.22
C SER D 73 20.82 3.75 -24.58
N PRO D 74 20.68 4.70 -25.52
CA PRO D 74 20.30 4.38 -26.88
C PRO D 74 21.50 3.99 -27.74
N TYR D 75 21.23 3.05 -28.64
CA TYR D 75 22.14 2.66 -29.68
C TYR D 75 21.52 3.11 -30.98
N ILE D 76 22.20 4.04 -31.69
CA ILE D 76 21.69 4.71 -32.87
C ILE D 76 22.53 4.32 -34.09
N VAL D 77 21.85 3.72 -35.05
CA VAL D 77 22.45 3.23 -36.27
C VAL D 77 22.65 4.41 -37.21
N GLY D 78 23.78 4.46 -37.92
CA GLY D 78 23.88 5.49 -38.95
C GLY D 78 25.18 5.49 -39.75
N GLU D 79 25.33 6.57 -40.51
CA GLU D 79 26.26 6.66 -41.61
C GLU D 79 27.68 6.86 -41.06
N GLN D 80 27.80 7.42 -39.84
CA GLN D 80 29.10 7.55 -39.19
C GLN D 80 29.37 6.39 -38.23
N GLY D 81 28.58 5.31 -38.33
CA GLY D 81 28.76 4.15 -37.47
C GLY D 81 27.92 4.26 -36.19
N PRO D 82 28.01 3.25 -35.28
CA PRO D 82 27.13 3.16 -34.12
C PRO D 82 27.39 4.21 -33.04
N LEU D 83 26.34 4.95 -32.70
CA LEU D 83 26.37 5.96 -31.66
C LEU D 83 25.59 5.46 -30.44
N VAL D 84 26.34 5.19 -29.37
CA VAL D 84 25.82 4.75 -28.08
C VAL D 84 26.06 5.89 -27.09
N THR D 85 25.00 6.29 -26.37
CA THR D 85 25.12 7.30 -25.32
C THR D 85 24.58 6.70 -24.02
N ALA D 86 24.63 7.49 -22.95
CA ALA D 86 24.08 7.03 -21.70
C ALA D 86 23.93 8.20 -20.74
N TRP D 87 22.69 8.39 -20.28
CA TRP D 87 22.29 9.49 -19.43
C TRP D 87 21.52 8.94 -18.23
N THR D 88 21.95 9.32 -17.03
CA THR D 88 21.37 8.84 -15.80
C THR D 88 20.55 9.97 -15.18
N LEU D 89 19.27 9.68 -14.92
CA LEU D 89 18.38 10.55 -14.16
C LEU D 89 18.21 9.96 -12.76
N LEU D 90 18.69 10.73 -11.79
CA LEU D 90 18.64 10.39 -10.38
C LEU D 90 17.47 11.15 -9.74
N MET D 91 16.66 10.40 -8.96
CA MET D 91 15.42 10.90 -8.37
C MET D 91 15.46 10.71 -6.86
N SER D 92 14.77 11.62 -6.13
CA SER D 92 14.64 11.52 -4.69
C SER D 92 13.45 10.63 -4.33
N MET D 93 13.66 9.71 -3.39
CA MET D 93 12.59 8.90 -2.82
C MET D 93 11.92 9.63 -1.64
N HIS D 94 12.43 10.81 -1.26
CA HIS D 94 11.85 11.62 -0.19
C HIS D 94 10.78 12.54 -0.75
N ASN D 95 11.06 13.26 -1.85
CA ASN D 95 10.14 14.26 -2.37
C ASN D 95 9.73 14.00 -3.83
N GLY D 96 10.30 12.97 -4.47
CA GLY D 96 9.88 12.57 -5.80
C GLY D 96 10.33 13.53 -6.89
N GLN D 97 11.36 14.33 -6.58
CA GLN D 97 11.88 15.33 -7.50
C GLN D 97 13.23 14.87 -8.05
N PRO D 98 13.64 15.37 -9.23
CA PRO D 98 14.93 15.03 -9.82
C PRO D 98 16.09 15.66 -9.06
N LEU D 99 17.19 14.92 -8.92
CA LEU D 99 18.34 15.39 -8.16
C LEU D 99 19.48 15.73 -9.13
N LEU D 100 19.59 14.94 -10.21
CA LEU D 100 20.75 14.98 -11.09
C LEU D 100 20.39 14.33 -12.42
N LEU D 101 20.77 14.97 -13.52
CA LEU D 101 20.83 14.39 -14.84
C LEU D 101 22.29 14.41 -15.29
N CYS D 102 22.87 13.22 -15.48
CA CYS D 102 24.31 13.07 -15.64
C CYS D 102 24.64 12.32 -16.93
N ASP D 103 25.57 12.86 -17.73
CA ASP D 103 26.16 12.11 -18.82
C ASP D 103 26.91 10.93 -18.20
N ALA D 104 26.55 9.71 -18.62
CA ALA D 104 27.02 8.48 -17.98
C ALA D 104 27.84 7.61 -18.94
N HIS D 105 28.32 8.18 -20.06
CA HIS D 105 29.18 7.49 -21.02
C HIS D 105 30.45 6.96 -20.34
N GLU D 106 31.15 7.82 -19.59
CA GLU D 106 32.39 7.46 -18.92
C GLU D 106 32.10 6.65 -17.64
N LEU D 107 31.06 7.07 -16.89
CA LEU D 107 30.59 6.36 -15.71
C LEU D 107 30.32 4.89 -16.05
N THR D 108 29.73 4.61 -17.22
CA THR D 108 29.40 3.25 -17.62
C THR D 108 30.68 2.42 -17.79
N THR D 109 31.62 2.93 -18.59
CA THR D 109 32.90 2.29 -18.81
C THR D 109 33.53 1.91 -17.48
N ALA D 110 33.63 2.87 -16.56
CA ALA D 110 34.25 2.60 -15.26
C ALA D 110 33.55 1.48 -14.49
N ARG D 111 32.24 1.59 -14.30
CA ARG D 111 31.51 0.59 -13.53
C ARG D 111 31.61 -0.79 -14.18
N THR D 112 31.60 -0.82 -15.51
CA THR D 112 31.72 -2.09 -16.20
C THR D 112 33.07 -2.71 -15.91
N ALA D 113 34.13 -1.92 -15.98
CA ALA D 113 35.47 -2.44 -15.74
C ALA D 113 35.64 -2.82 -14.27
N ALA D 114 35.13 -1.96 -13.38
CA ALA D 114 35.25 -2.15 -11.94
C ALA D 114 34.46 -3.38 -11.48
N THR D 115 33.35 -3.68 -12.17
CA THR D 115 32.50 -4.82 -11.83
C THR D 115 33.23 -6.11 -12.20
N THR D 116 33.76 -6.18 -13.42
CA THR D 116 34.61 -7.29 -13.82
C THR D 116 35.74 -7.48 -12.80
N ALA D 117 36.41 -6.38 -12.43
CA ALA D 117 37.53 -6.43 -11.50
C ALA D 117 37.14 -7.06 -10.16
N LEU D 118 35.96 -6.73 -9.64
CA LEU D 118 35.44 -7.36 -8.42
C LEU D 118 35.27 -8.87 -8.64
N ALA D 119 34.77 -9.28 -9.81
CA ALA D 119 34.61 -10.71 -10.08
C ALA D 119 35.96 -11.42 -10.15
N VAL D 120 36.92 -10.81 -10.84
CA VAL D 120 38.25 -11.38 -11.00
C VAL D 120 38.89 -11.58 -9.62
N ASP D 121 38.77 -10.57 -8.76
CA ASP D 121 39.35 -10.64 -7.42
C ASP D 121 38.71 -11.80 -6.66
N ALA D 122 37.38 -11.91 -6.71
CA ALA D 122 36.61 -12.89 -5.95
C ALA D 122 36.72 -14.30 -6.56
N LEU D 123 36.96 -14.42 -7.87
CA LEU D 123 36.90 -15.72 -8.54
C LEU D 123 38.27 -16.27 -8.94
N ALA D 124 39.23 -15.40 -9.22
CA ALA D 124 40.49 -15.86 -9.80
C ALA D 124 41.28 -16.61 -8.73
N PRO D 125 42.09 -17.61 -9.10
CA PRO D 125 43.02 -18.24 -8.16
C PRO D 125 43.91 -17.14 -7.60
N LEU D 126 44.19 -17.21 -6.29
CA LEU D 126 45.14 -16.32 -5.64
C LEU D 126 46.46 -16.27 -6.41
N ALA D 127 46.92 -17.42 -6.90
CA ALA D 127 48.23 -17.58 -7.51
C ALA D 127 48.17 -17.38 -9.02
N ALA D 128 47.07 -16.78 -9.51
CA ALA D 128 46.91 -16.43 -10.91
C ALA D 128 48.02 -15.46 -11.32
N ARG D 129 48.55 -15.67 -12.52
CA ARG D 129 49.78 -15.01 -12.94
C ARG D 129 49.62 -14.41 -14.34
N ARG D 130 48.89 -15.10 -15.23
CA ARG D 130 48.82 -14.71 -16.63
C ARG D 130 47.43 -14.17 -16.96
N LEU D 131 47.40 -12.92 -17.45
CA LEU D 131 46.19 -12.22 -17.85
C LEU D 131 46.20 -12.03 -19.36
N ALA D 132 45.05 -12.32 -20.00
CA ALA D 132 44.82 -12.02 -21.40
C ALA D 132 43.56 -11.17 -21.55
N ILE D 133 43.57 -10.25 -22.53
CA ILE D 133 42.45 -9.35 -22.77
C ILE D 133 42.17 -9.32 -24.26
N ILE D 134 40.92 -9.70 -24.63
CA ILE D 134 40.44 -9.64 -26.01
C ILE D 134 39.53 -8.42 -26.20
N GLY D 135 39.85 -7.61 -27.22
CA GLY D 135 39.36 -6.25 -27.32
C GLY D 135 40.40 -5.24 -26.87
N SER D 136 40.36 -4.04 -27.47
CA SER D 136 41.32 -2.98 -27.18
C SER D 136 40.64 -1.61 -27.12
N GLY D 137 39.30 -1.57 -27.10
CA GLY D 137 38.56 -0.32 -26.98
C GLY D 137 38.61 0.23 -25.56
N LYS D 138 37.79 1.26 -25.32
CA LYS D 138 37.69 1.94 -24.04
C LYS D 138 37.42 0.98 -22.88
N VAL D 139 36.60 -0.06 -23.11
CA VAL D 139 36.18 -0.99 -22.08
C VAL D 139 37.36 -1.89 -21.73
N ALA D 140 38.02 -2.45 -22.76
CA ALA D 140 39.26 -3.19 -22.57
C ALA D 140 40.31 -2.37 -21.81
N GLN D 141 40.47 -1.10 -22.21
CA GLN D 141 41.41 -0.17 -21.59
C GLN D 141 41.15 -0.07 -20.08
N ALA D 142 39.89 0.26 -19.71
CA ALA D 142 39.54 0.44 -18.30
C ALA D 142 39.65 -0.87 -17.54
N HIS D 143 39.33 -2.03 -18.16
CA HIS D 143 39.50 -3.31 -17.47
C HIS D 143 40.95 -3.52 -17.06
N LEU D 144 41.86 -3.22 -18.00
CA LEU D 144 43.31 -3.25 -17.79
C LEU D 144 43.71 -2.39 -16.58
N ARG D 145 43.23 -1.15 -16.51
CA ARG D 145 43.57 -0.28 -15.40
C ARG D 145 42.95 -0.79 -14.09
N TYR D 146 41.77 -1.43 -14.14
CA TYR D 146 41.09 -1.80 -12.89
C TYR D 146 41.58 -3.16 -12.36
N VAL D 147 42.16 -4.03 -13.20
CA VAL D 147 42.62 -5.32 -12.70
C VAL D 147 44.13 -5.37 -12.51
N GLN D 148 44.86 -4.30 -12.85
CA GLN D 148 46.32 -4.36 -12.92
C GLN D 148 46.99 -4.76 -11.59
N ASN D 149 46.40 -4.42 -10.43
CA ASN D 149 47.00 -4.75 -9.13
C ASN D 149 46.21 -5.83 -8.35
N LEU D 150 45.29 -6.52 -9.01
CA LEU D 150 44.53 -7.57 -8.33
C LEU D 150 45.41 -8.77 -8.07
N ARG D 151 46.29 -9.08 -9.02
CA ARG D 151 47.19 -10.22 -8.86
C ARG D 151 48.59 -9.86 -9.34
N ASP D 152 49.60 -10.56 -8.83
CA ASP D 152 50.97 -10.32 -9.29
C ASP D 152 51.12 -10.90 -10.68
N TRP D 153 50.73 -10.12 -11.68
CA TRP D 153 50.76 -10.61 -13.07
C TRP D 153 52.20 -10.66 -13.55
N GLN D 154 52.62 -11.80 -14.14
CA GLN D 154 53.92 -11.88 -14.77
C GLN D 154 53.81 -11.49 -16.25
N HIS D 155 52.64 -11.72 -16.87
CA HIS D 155 52.44 -11.33 -18.26
C HIS D 155 50.98 -10.94 -18.52
N ILE D 156 50.79 -9.76 -19.12
CA ILE D 156 49.51 -9.36 -19.67
C ILE D 156 49.60 -9.34 -21.20
N SER D 157 48.75 -10.14 -21.84
CA SER D 157 48.65 -10.15 -23.28
C SER D 157 47.33 -9.49 -23.72
N LEU D 158 47.34 -8.78 -24.87
CA LEU D 158 46.16 -8.09 -25.38
C LEU D 158 46.04 -8.31 -26.89
N PHE D 159 44.86 -8.72 -27.36
CA PHE D 159 44.61 -8.90 -28.78
C PHE D 159 43.30 -8.21 -29.21
N SER D 160 43.35 -7.50 -30.34
CA SER D 160 42.18 -7.21 -31.16
C SER D 160 42.62 -7.19 -32.63
N PRO D 161 41.71 -7.49 -33.61
CA PRO D 161 42.08 -7.51 -35.03
C PRO D 161 42.70 -6.22 -35.57
N SER D 162 42.30 -5.07 -35.00
CA SER D 162 42.81 -3.75 -35.34
C SER D 162 44.32 -3.68 -35.18
N LEU D 163 44.78 -4.16 -34.02
CA LEU D 163 46.16 -3.95 -33.59
C LEU D 163 47.17 -4.62 -34.52
N ALA D 164 46.79 -5.70 -35.24
CA ALA D 164 47.55 -6.15 -36.40
C ALA D 164 46.88 -5.66 -37.70
N ALA D 169 45.03 5.84 -29.02
CA ALA D 169 43.72 5.33 -28.52
C ALA D 169 43.94 4.39 -27.33
N THR D 170 44.42 3.18 -27.61
CA THR D 170 44.67 2.21 -26.53
C THR D 170 46.05 2.43 -25.97
N LEU D 171 46.99 2.83 -26.82
CA LEU D 171 48.33 3.10 -26.34
C LEU D 171 48.20 4.12 -25.24
N ALA D 172 47.18 4.97 -25.36
CA ALA D 172 46.95 5.94 -24.31
C ALA D 172 46.82 5.23 -22.98
N GLN D 173 46.12 4.09 -22.96
CA GLN D 173 45.96 3.35 -21.73
C GLN D 173 46.73 2.02 -21.75
N LEU D 174 47.60 1.83 -22.75
CA LEU D 174 48.58 0.77 -22.70
C LEU D 174 49.76 1.19 -21.83
N THR D 175 49.91 2.48 -21.61
CA THR D 175 50.95 2.94 -20.69
C THR D 175 50.32 3.14 -19.37
N GLY D 176 49.01 3.32 -19.38
CA GLY D 176 48.31 3.44 -18.12
C GLY D 176 48.73 2.20 -17.37
N LEU D 177 49.02 1.11 -18.08
CA LEU D 177 49.54 -0.04 -17.39
C LEU D 177 51.05 -0.09 -17.29
N ASP D 178 51.80 0.81 -17.93
CA ASP D 178 53.23 0.87 -17.62
C ASP D 178 53.96 -0.32 -18.26
N LEU D 181 53.88 -7.79 -20.91
CA LEU D 181 53.08 -6.86 -21.76
C LEU D 181 53.35 -7.11 -23.23
N SER D 182 52.30 -7.58 -23.92
CA SER D 182 52.38 -8.13 -25.25
C SER D 182 51.10 -7.75 -25.99
N ILE D 183 51.26 -7.16 -27.17
CA ILE D 183 50.21 -7.17 -28.18
C ILE D 183 50.41 -8.44 -29.02
N ALA D 184 49.44 -9.35 -28.94
CA ALA D 184 49.49 -10.55 -29.74
C ALA D 184 48.93 -10.25 -31.12
N ASP D 185 49.18 -11.19 -32.03
CA ASP D 185 48.85 -11.10 -33.44
C ASP D 185 47.62 -11.94 -33.75
N SER D 186 47.19 -12.73 -32.73
CA SER D 186 46.01 -13.60 -32.84
C SER D 186 45.40 -13.79 -31.44
N CYS D 187 44.17 -14.32 -31.40
CA CYS D 187 43.49 -14.59 -30.14
C CYS D 187 44.19 -15.73 -29.43
N ALA D 188 44.52 -16.79 -30.19
CA ALA D 188 45.18 -17.96 -29.64
C ALA D 188 46.46 -17.59 -28.91
N ALA D 189 47.27 -16.72 -29.54
CA ALA D 189 48.55 -16.33 -28.97
C ALA D 189 48.33 -15.54 -27.69
N ALA D 190 47.31 -14.66 -27.67
CA ALA D 190 47.01 -13.89 -26.49
C ALA D 190 46.62 -14.80 -25.31
N VAL D 191 45.87 -15.87 -25.62
CA VAL D 191 45.19 -16.68 -24.58
C VAL D 191 46.05 -17.86 -24.14
N ALA D 192 47.10 -18.22 -24.90
CA ALA D 192 47.96 -19.33 -24.54
C ALA D 192 48.40 -19.19 -23.09
N ASP D 193 48.03 -20.19 -22.29
CA ASP D 193 48.48 -20.39 -20.92
C ASP D 193 47.94 -19.31 -19.98
N ALA D 194 46.82 -18.66 -20.35
CA ALA D 194 46.22 -17.62 -19.51
C ALA D 194 45.56 -18.27 -18.30
N ASP D 195 45.68 -17.60 -17.14
CA ASP D 195 44.91 -17.91 -15.94
C ASP D 195 43.58 -17.15 -15.94
N VAL D 196 43.54 -15.99 -16.59
CA VAL D 196 42.38 -15.10 -16.59
C VAL D 196 42.28 -14.49 -17.98
N ILE D 197 41.11 -14.60 -18.61
CA ILE D 197 40.85 -14.08 -19.93
C ILE D 197 39.64 -13.16 -19.89
N MET D 198 39.85 -11.85 -20.03
CA MET D 198 38.75 -10.90 -20.07
C MET D 198 38.35 -10.60 -21.52
N LEU D 199 37.15 -11.07 -21.90
CA LEU D 199 36.59 -10.73 -23.19
C LEU D 199 35.89 -9.38 -23.03
N CYS D 200 36.44 -8.38 -23.75
CA CYS D 200 35.99 -6.99 -23.64
C CYS D 200 35.67 -6.45 -25.02
N THR D 201 34.85 -7.20 -25.78
CA THR D 201 34.61 -6.93 -27.19
C THR D 201 33.22 -6.34 -27.42
N SER D 202 33.04 -5.81 -28.64
CA SER D 202 31.74 -5.44 -29.15
C SER D 202 31.16 -6.57 -30.00
N SER D 203 31.71 -7.78 -29.91
CA SER D 203 31.23 -8.86 -30.76
C SER D 203 29.81 -9.26 -30.36
N ALA D 204 29.00 -9.50 -31.40
CA ALA D 204 27.69 -10.15 -31.30
C ALA D 204 27.83 -11.66 -31.06
N GLY D 205 28.91 -12.27 -31.59
CA GLY D 205 29.06 -13.72 -31.59
C GLY D 205 30.38 -14.16 -30.96
N PRO D 206 30.60 -15.49 -30.82
CA PRO D 206 31.79 -16.01 -30.14
C PRO D 206 33.14 -15.42 -30.61
N VAL D 207 33.96 -15.01 -29.64
CA VAL D 207 35.32 -14.57 -29.92
C VAL D 207 36.33 -15.59 -29.38
N LEU D 208 35.90 -16.50 -28.51
CA LEU D 208 36.76 -17.47 -27.86
C LEU D 208 35.96 -18.76 -27.64
N ASP D 209 36.55 -19.92 -27.99
CA ASP D 209 36.03 -21.22 -27.61
C ASP D 209 36.82 -21.75 -26.40
N PRO D 210 36.21 -21.83 -25.20
CA PRO D 210 36.87 -22.40 -24.02
C PRO D 210 37.49 -23.79 -24.16
N ALA D 211 36.99 -24.59 -25.10
CA ALA D 211 37.50 -25.93 -25.38
C ALA D 211 38.87 -25.92 -26.06
N HIS D 212 39.34 -24.75 -26.54
CA HIS D 212 40.61 -24.66 -27.25
C HIS D 212 41.71 -24.16 -26.32
N LEU D 213 41.37 -23.88 -25.05
CA LEU D 213 42.31 -23.37 -24.07
C LEU D 213 43.22 -24.50 -23.60
N SER D 214 44.51 -24.19 -23.44
CA SER D 214 45.49 -25.18 -23.05
C SER D 214 45.19 -25.67 -21.62
N LYS D 215 44.57 -24.82 -20.79
CA LYS D 215 44.21 -25.20 -19.42
C LYS D 215 42.98 -24.43 -18.92
N PRO D 216 42.42 -24.81 -17.75
CA PRO D 216 41.33 -24.04 -17.15
C PRO D 216 41.70 -22.59 -16.77
N ALA D 217 40.76 -21.68 -17.03
CA ALA D 217 40.93 -20.26 -16.80
C ALA D 217 39.61 -19.66 -16.34
N LEU D 218 39.74 -18.51 -15.68
CA LEU D 218 38.62 -17.62 -15.53
C LEU D 218 38.45 -16.82 -16.82
N ILE D 219 37.26 -16.94 -17.43
CA ILE D 219 36.83 -16.17 -18.58
C ILE D 219 35.73 -15.18 -18.14
N THR D 220 35.88 -13.92 -18.51
CA THR D 220 34.88 -12.90 -18.23
C THR D 220 34.35 -12.38 -19.56
N SER D 221 33.12 -11.87 -19.52
CA SER D 221 32.44 -11.43 -20.73
C SER D 221 31.53 -10.24 -20.40
N ILE D 222 31.59 -9.19 -21.23
CA ILE D 222 30.82 -7.98 -20.99
C ILE D 222 29.98 -7.58 -22.20
N SER D 223 30.14 -8.22 -23.37
CA SER D 223 29.49 -7.72 -24.60
C SER D 223 27.98 -7.65 -24.43
N THR D 224 27.40 -6.53 -24.91
CA THR D 224 25.95 -6.33 -24.92
C THR D 224 25.49 -5.55 -26.15
N ASN D 225 26.32 -5.36 -27.17
CA ASN D 225 25.93 -4.36 -28.16
C ASN D 225 25.13 -4.99 -29.30
N ALA D 226 24.67 -6.24 -29.15
CA ALA D 226 23.51 -6.73 -29.90
C ALA D 226 22.51 -7.34 -28.94
N PRO D 227 21.24 -7.55 -29.34
CA PRO D 227 20.35 -8.41 -28.57
C PRO D 227 20.97 -9.81 -28.71
N ARG D 228 21.23 -10.42 -27.54
CA ARG D 228 21.72 -11.78 -27.43
C ARG D 228 23.20 -11.85 -27.86
N ALA D 229 23.90 -10.72 -27.77
CA ALA D 229 25.35 -10.66 -27.90
C ALA D 229 26.02 -11.56 -26.86
N HIS D 230 26.97 -12.39 -27.34
CA HIS D 230 27.71 -13.32 -26.51
C HIS D 230 29.11 -13.49 -27.09
N GLU D 231 30.08 -13.82 -26.23
CA GLU D 231 31.49 -13.89 -26.59
C GLU D 231 32.06 -15.30 -26.53
N VAL D 232 31.23 -16.29 -26.16
CA VAL D 232 31.64 -17.68 -26.09
C VAL D 232 30.55 -18.51 -26.76
N PRO D 233 30.83 -19.75 -27.23
CA PRO D 233 29.80 -20.63 -27.77
C PRO D 233 28.82 -20.94 -26.63
N PRO D 234 27.52 -20.67 -26.84
CA PRO D 234 26.50 -20.95 -25.82
C PRO D 234 26.61 -22.35 -25.20
N HIS D 235 26.88 -23.38 -26.01
CA HIS D 235 27.02 -24.76 -25.51
C HIS D 235 28.18 -24.86 -24.52
N SER D 236 29.18 -23.97 -24.65
CA SER D 236 30.35 -24.02 -23.77
C SER D 236 29.94 -23.81 -22.31
N LEU D 237 28.74 -23.22 -22.03
CA LEU D 237 28.37 -22.98 -20.64
C LEU D 237 28.19 -24.30 -19.88
N ASN D 238 27.90 -25.39 -20.58
CA ASN D 238 27.69 -26.68 -19.92
C ASN D 238 29.02 -27.28 -19.45
N ALA D 239 30.16 -26.74 -19.93
CA ALA D 239 31.49 -27.21 -19.56
C ALA D 239 32.20 -26.24 -18.61
N MET D 240 31.50 -25.21 -18.16
CA MET D 240 32.14 -24.24 -17.29
C MET D 240 31.32 -24.10 -16.01
N GLN D 241 32.00 -23.67 -14.94
CA GLN D 241 31.36 -23.24 -13.72
C GLN D 241 30.94 -21.77 -13.92
N VAL D 242 29.63 -21.49 -13.92
CA VAL D 242 29.08 -20.20 -14.35
C VAL D 242 28.71 -19.31 -13.15
N PHE D 243 29.14 -18.03 -13.25
CA PHE D 243 28.86 -16.97 -12.31
C PHE D 243 28.41 -15.75 -13.10
N CYS D 244 27.74 -14.78 -12.46
CA CYS D 244 27.26 -13.60 -13.15
C CYS D 244 27.15 -12.44 -12.15
N ASP D 245 26.78 -11.27 -12.65
CA ASP D 245 26.70 -10.06 -11.83
C ASP D 245 25.55 -10.17 -10.82
N TYR D 246 24.36 -10.53 -11.28
CA TYR D 246 23.21 -10.74 -10.40
C TYR D 246 22.35 -11.89 -10.94
N ARG D 247 22.08 -12.91 -10.12
CA ARG D 247 21.38 -14.09 -10.61
C ARG D 247 19.90 -13.80 -10.94
N GLN D 248 19.25 -12.82 -10.31
CA GLN D 248 17.81 -12.67 -10.50
C GLN D 248 17.48 -12.11 -11.87
N THR D 249 18.45 -11.49 -12.57
CA THR D 249 18.11 -10.79 -13.79
C THR D 249 18.95 -11.21 -14.98
N THR D 250 20.27 -11.37 -14.79
CA THR D 250 21.14 -11.46 -15.96
C THR D 250 20.86 -12.71 -16.79
N PRO D 251 20.66 -13.90 -16.17
CA PRO D 251 20.35 -15.12 -16.93
C PRO D 251 19.09 -15.07 -17.81
N ASP D 252 18.16 -14.14 -17.53
CA ASP D 252 16.99 -13.91 -18.38
C ASP D 252 17.31 -12.96 -19.53
N ALA D 253 18.52 -12.38 -19.59
CA ALA D 253 18.85 -11.42 -20.67
C ALA D 253 20.16 -11.72 -21.39
N ALA D 254 21.15 -12.34 -20.71
CA ALA D 254 22.45 -12.61 -21.29
C ALA D 254 22.31 -13.61 -22.45
N GLY D 255 22.74 -13.24 -23.65
CA GLY D 255 22.49 -14.04 -24.83
C GLY D 255 22.93 -15.50 -24.71
N GLU D 256 24.19 -15.76 -24.30
CA GLU D 256 24.69 -17.13 -24.30
C GLU D 256 23.90 -17.99 -23.31
N MET D 257 23.42 -17.35 -22.24
CA MET D 257 22.65 -18.04 -21.24
C MET D 257 21.28 -18.44 -21.76
N LEU D 258 20.64 -17.53 -22.51
CA LEU D 258 19.36 -17.78 -23.15
C LEU D 258 19.47 -18.87 -24.24
N ILE D 259 20.47 -18.75 -25.12
CA ILE D 259 20.65 -19.73 -26.18
C ILE D 259 20.97 -21.10 -25.57
N ALA D 260 21.84 -21.15 -24.55
CA ALA D 260 22.23 -22.43 -23.98
C ALA D 260 21.01 -23.12 -23.37
N SER D 261 20.24 -22.37 -22.61
CA SER D 261 18.96 -22.83 -22.09
C SER D 261 18.01 -23.30 -23.19
N GLU D 262 17.96 -22.62 -24.34
CA GLU D 262 16.97 -22.93 -25.35
C GLU D 262 17.38 -24.13 -26.23
N GLN D 263 18.68 -24.36 -26.38
CA GLN D 263 19.19 -25.26 -27.40
C GLN D 263 20.18 -26.29 -26.84
N HIS D 264 20.71 -26.12 -25.62
CA HIS D 264 21.81 -26.97 -25.15
C HIS D 264 21.54 -27.56 -23.75
N GLY D 265 20.31 -27.41 -23.25
CA GLY D 265 19.86 -28.09 -22.04
C GLY D 265 20.45 -27.46 -20.78
N TRP D 266 21.02 -26.26 -20.92
CA TRP D 266 21.56 -25.53 -19.78
C TRP D 266 20.40 -24.96 -18.99
N ASP D 267 20.60 -24.84 -17.69
CA ASP D 267 19.59 -24.45 -16.75
C ASP D 267 20.19 -23.36 -15.88
N LYS D 268 19.55 -22.19 -15.78
CA LYS D 268 20.05 -21.06 -15.00
C LYS D 268 20.30 -21.36 -13.50
N ARG D 269 19.76 -22.47 -12.97
CA ARG D 269 20.05 -22.95 -11.63
C ARG D 269 21.49 -23.50 -11.52
N ALA D 270 22.16 -23.76 -12.64
CA ALA D 270 23.59 -24.09 -12.64
C ALA D 270 24.49 -22.87 -12.37
N VAL D 271 23.92 -21.66 -12.25
CA VAL D 271 24.71 -20.50 -11.84
C VAL D 271 25.12 -20.69 -10.37
N MET D 272 26.43 -20.66 -10.15
CA MET D 272 26.99 -21.08 -8.88
C MET D 272 27.13 -19.91 -7.92
N GLY D 273 27.08 -18.69 -8.45
CA GLY D 273 27.17 -17.51 -7.62
C GLY D 273 27.02 -16.23 -8.43
N ASP D 274 26.68 -15.13 -7.75
CA ASP D 274 26.75 -13.83 -8.36
C ASP D 274 27.56 -12.94 -7.42
N LEU D 275 27.61 -11.64 -7.69
CA LEU D 275 28.50 -10.78 -6.94
C LEU D 275 27.92 -10.50 -5.55
N PRO D 276 26.60 -10.22 -5.40
CA PRO D 276 26.00 -10.19 -4.05
C PRO D 276 26.42 -11.39 -3.19
N GLU D 277 26.31 -12.61 -3.73
CA GLU D 277 26.62 -13.83 -3.00
C GLU D 277 28.12 -13.95 -2.71
N LEU D 278 28.98 -13.73 -3.73
CA LEU D 278 30.43 -13.82 -3.58
C LEU D 278 30.95 -12.83 -2.53
N LEU D 279 30.41 -11.62 -2.50
CA LEU D 279 30.97 -10.58 -1.66
C LEU D 279 30.32 -10.58 -0.27
N SER D 280 29.49 -11.58 0.05
CA SER D 280 29.04 -11.80 1.43
C SER D 280 29.05 -13.29 1.79
N ASP D 281 29.97 -14.03 1.16
CA ASP D 281 30.35 -15.38 1.55
C ASP D 281 29.16 -16.35 1.53
N MET D 282 28.13 -16.02 0.74
CA MET D 282 27.07 -16.94 0.36
C MET D 282 27.53 -17.78 -0.86
N ALA D 283 28.75 -17.55 -1.32
CA ALA D 283 29.39 -18.37 -2.35
C ALA D 283 30.90 -18.19 -2.21
N GLN D 284 31.65 -19.25 -2.53
CA GLN D 284 33.09 -19.27 -2.31
C GLN D 284 33.80 -19.27 -3.66
N ARG D 285 35.08 -18.88 -3.64
CA ARG D 285 35.96 -19.07 -4.79
C ARG D 285 35.90 -20.55 -5.21
N PRO D 286 35.61 -20.87 -6.49
CA PRO D 286 35.55 -22.25 -6.95
C PRO D 286 36.93 -22.88 -7.21
N ASP D 287 36.94 -24.18 -7.54
CA ASP D 287 38.17 -24.86 -7.92
C ASP D 287 38.39 -24.67 -9.42
N TYR D 288 39.59 -25.00 -9.92
CA TYR D 288 39.84 -24.89 -11.36
C TYR D 288 40.19 -26.25 -11.97
N GLN D 289 39.44 -27.30 -11.59
CA GLN D 289 39.43 -28.53 -12.37
C GLN D 289 38.58 -28.32 -13.62
N ARG D 290 37.82 -27.22 -13.69
CA ARG D 290 37.15 -26.82 -14.93
C ARG D 290 37.19 -25.30 -15.05
N PRO D 291 36.98 -24.75 -16.28
CA PRO D 291 36.99 -23.31 -16.45
C PRO D 291 35.85 -22.68 -15.66
N VAL D 292 36.04 -21.40 -15.33
CA VAL D 292 35.06 -20.59 -14.63
C VAL D 292 34.68 -19.45 -15.58
N PHE D 293 33.36 -19.24 -15.71
CA PHE D 293 32.82 -18.20 -16.57
C PHE D 293 32.11 -17.17 -15.71
N PHE D 294 32.40 -15.88 -15.95
CA PHE D 294 31.71 -14.79 -15.27
C PHE D 294 31.07 -13.86 -16.28
N ARG D 295 29.74 -13.76 -16.25
CA ARG D 295 29.00 -12.92 -17.18
C ARG D 295 28.55 -11.62 -16.54
N SER D 296 28.82 -10.49 -17.22
CA SER D 296 28.29 -9.21 -16.82
C SER D 296 27.50 -8.64 -18.00
N ILE D 297 26.32 -8.02 -17.73
CA ILE D 297 25.71 -7.26 -18.80
C ILE D 297 25.47 -5.82 -18.36
N GLY D 298 25.94 -5.44 -17.17
CA GLY D 298 25.62 -4.14 -16.59
C GLY D 298 24.30 -4.19 -15.82
N LEU D 299 24.31 -3.61 -14.61
CA LEU D 299 23.15 -3.55 -13.73
C LEU D 299 22.88 -2.08 -13.39
N GLY D 300 21.60 -1.68 -13.47
CA GLY D 300 21.20 -0.31 -13.16
C GLY D 300 21.68 0.20 -11.80
N LEU D 301 21.64 -0.65 -10.77
CA LEU D 301 22.14 -0.25 -9.46
C LEU D 301 23.54 0.36 -9.59
N GLU D 302 24.39 -0.23 -10.44
CA GLU D 302 25.76 0.23 -10.64
C GLU D 302 25.74 1.69 -11.10
N ASP D 303 24.89 1.95 -12.09
CA ASP D 303 24.77 3.26 -12.71
C ASP D 303 24.24 4.28 -11.72
N ILE D 304 23.33 3.85 -10.84
CA ILE D 304 22.65 4.74 -9.93
C ILE D 304 23.59 5.08 -8.77
N ALA D 305 24.41 4.11 -8.33
CA ALA D 305 25.35 4.34 -7.24
C ALA D 305 26.39 5.39 -7.64
N LEU D 306 26.87 5.31 -8.88
CA LEU D 306 27.89 6.23 -9.35
C LEU D 306 27.27 7.62 -9.47
N ALA D 307 26.11 7.69 -10.12
CA ALA D 307 25.42 8.96 -10.33
C ALA D 307 25.16 9.63 -8.98
N ASN D 308 24.88 8.82 -7.96
CA ASN D 308 24.67 9.29 -6.60
C ASN D 308 25.96 9.82 -5.98
N ALA D 309 27.07 9.08 -6.09
CA ALA D 309 28.35 9.59 -5.60
C ALA D 309 28.67 10.94 -6.25
N LEU D 310 28.34 11.11 -7.53
CA LEU D 310 28.58 12.36 -8.25
C LEU D 310 27.65 13.47 -7.76
N TYR D 311 26.47 13.09 -7.26
CA TYR D 311 25.50 14.04 -6.73
C TYR D 311 25.90 14.53 -5.34
N GLN D 312 26.38 13.61 -4.48
CA GLN D 312 26.76 13.92 -3.10
C GLN D 312 28.05 14.74 -3.09
N LEU D 313 28.88 14.57 -4.11
CA LEU D 313 30.06 15.40 -4.33
C LEU D 313 29.64 16.80 -4.80
N GLN D 314 28.63 16.82 -5.68
CA GLN D 314 28.09 18.03 -6.30
C GLN D 314 27.36 18.90 -5.28
N ARG D 315 26.97 18.33 -4.13
CA ARG D 315 26.36 19.10 -3.05
C ARG D 315 27.41 20.05 -2.46
#